data_9IZN
#
_entry.id   9IZN
#
_cell.length_a   63.324
_cell.length_b   78.358
_cell.length_c   257.364
_cell.angle_alpha   90.00
_cell.angle_beta   90.00
_cell.angle_gamma   90.00
#
_symmetry.space_group_name_H-M   'P 21 21 21'
#
loop_
_entity.id
_entity.type
_entity.pdbx_description
1 polymer 'Transmembrane protease serine 2'
2 polymer 'Spike protein S1'
3 non-polymer 2-acetamido-2-deoxy-beta-D-glucopyranose
4 water water
#
loop_
_entity_poly.entity_id
_entity_poly.type
_entity_poly.pdbx_seq_one_letter_code
_entity_poly.pdbx_strand_id
1 'polypeptide(L)'
;MGSKCSNSGIECDSSGTCINPSNWCDGVSHCPGGEDENRCVRLYGPNFILQVYSSQRKSWHPVCQDDWNENYGRAACRDM
GYKNNFYSSQGIVDDSGSTSFMKLNTSAGNVDIYKKLYHSDACSSKAVVSLRCIACGVNLNSSRQSQIVGGESALPGAWP
WQVSLHVQNVHVCGGSIITPEWIVTAAHCVEKPLNNPWHWTAFAGILRQSFMFYGAGYQVEKVISHPNYDSKTKNNDIAL
MKLQKPLTFNDLVKPVCLPNPGMMLQPEQLCWISGWGATEEKGKTSEVLNAAKVLLIETQRCNSRYVYDNLITPAMICAG
FLQGNVDSCQGDSGGPLVTSKNNIWWLIGDTSWGSGCAKAYRPGVYGNVMVFTDWIYRQMRADGHHHHHHHH
;
B
2 'polypeptide(L)'
;SGFTVKPVATVHRRIPDLPDCDIDKWLNNFNVPSPLNWERKIFSNCNFNLSTLLRLVHTDSFSCNNFDESKIYGSCFKSI
VLDKFAIPNSRRSDLQLGSSGFLQSSNYKIDTTSSSCQLYYSLPAINVTINNYNPSSWNRRYGFNNFNLSSHSVVYSRYC
FSVNNTFCPCAKPSFASSCKSHKPPSASCPIGTNYRSCESTTVLDHTDWCRCSCLPDPITAYDPRSCSQKKSLVGVGEHC
AGFGVDEEKCGVLDGSYNVSCLCSTDAFLGWSYDTCVSNNRCNIFSNFILNGINSGTTCSNDLLQPNTEVFTDVCVDYDL
YGITGQGIFKEVSAVYYNSWQNLLYDSNGNIIGFKDFVTNKTYNIFPCYAGHHHHHHHH
;
A
#
loop_
_chem_comp.id
_chem_comp.type
_chem_comp.name
_chem_comp.formula
NAG D-saccharide, beta linking 2-acetamido-2-deoxy-beta-D-glucopyranose 'C8 H15 N O6'
#
# COMPACT_ATOMS: atom_id res chain seq x y z
N GLY A 33 -4.70 -31.69 45.08
CA GLY A 33 -4.33 -32.21 43.78
C GLY A 33 -4.63 -33.68 43.61
N GLY A 34 -5.87 -34.07 43.91
CA GLY A 34 -6.29 -35.44 43.75
C GLY A 34 -6.51 -35.83 42.30
N GLU A 35 -5.42 -35.86 41.54
CA GLU A 35 -5.49 -36.12 40.10
C GLU A 35 -5.35 -37.63 39.86
N ASP A 36 -6.48 -38.30 39.65
CA ASP A 36 -6.46 -39.67 39.16
C ASP A 36 -5.91 -39.67 37.73
N GLU A 37 -4.75 -40.28 37.54
CA GLU A 37 -3.96 -40.17 36.31
C GLU A 37 -3.68 -38.69 36.12
N ASN A 38 -4.01 -38.07 34.98
CA ASN A 38 -3.70 -36.66 34.80
C ASN A 38 -4.48 -36.09 33.63
N ARG A 39 -4.99 -34.87 33.81
CA ARG A 39 -5.52 -34.02 32.76
C ARG A 39 -6.76 -34.58 32.07
N CYS A 40 -7.14 -33.98 30.95
CA CYS A 40 -8.39 -34.29 30.27
C CYS A 40 -8.19 -34.60 28.79
N VAL A 41 -9.03 -34.04 27.94
CA VAL A 41 -9.09 -34.42 26.53
C VAL A 41 -9.46 -33.19 25.71
N ARG A 42 -9.06 -33.19 24.43
CA ARG A 42 -9.30 -32.05 23.56
C ARG A 42 -9.42 -32.53 22.11
N LEU A 43 -9.77 -31.59 21.24
CA LEU A 43 -9.72 -31.77 19.79
C LEU A 43 -8.71 -30.78 19.21
N TYR A 44 -8.08 -31.15 18.10
CA TYR A 44 -6.97 -30.37 17.57
C TYR A 44 -7.17 -30.08 16.09
N GLY A 45 -6.91 -28.83 15.70
CA GLY A 45 -6.89 -28.42 14.32
C GLY A 45 -8.26 -28.27 13.69
N PRO A 46 -8.27 -27.86 12.42
CA PRO A 46 -9.54 -27.75 11.69
C PRO A 46 -10.13 -29.07 11.25
N ASN A 47 -9.60 -30.20 11.72
CA ASN A 47 -10.15 -31.51 11.39
C ASN A 47 -10.51 -32.31 12.64
N PHE A 48 -10.48 -31.68 13.82
CA PHE A 48 -10.96 -32.28 15.07
C PHE A 48 -10.20 -33.56 15.42
N ILE A 49 -8.87 -33.48 15.37
CA ILE A 49 -8.04 -34.63 15.75
C ILE A 49 -8.21 -34.89 17.24
N LEU A 50 -8.69 -36.09 17.57
CA LEU A 50 -8.89 -36.46 18.96
C LEU A 50 -7.54 -36.68 19.63
N GLN A 51 -7.24 -35.88 20.67
CA GLN A 51 -5.98 -35.96 21.38
C GLN A 51 -6.24 -36.16 22.87
N VAL A 52 -5.29 -36.84 23.52
CA VAL A 52 -5.34 -37.08 24.96
C VAL A 52 -4.00 -36.65 25.56
N TYR A 53 -4.03 -36.37 26.86
CA TYR A 53 -2.84 -36.00 27.61
C TYR A 53 -2.35 -37.22 28.40
N SER A 54 -1.07 -37.50 28.30
CA SER A 54 -0.44 -38.61 29.00
C SER A 54 0.34 -38.11 30.20
N SER A 55 0.19 -38.81 31.32
CA SER A 55 0.91 -38.44 32.53
C SER A 55 2.36 -38.89 32.54
N GLN A 56 2.71 -39.87 31.70
CA GLN A 56 4.05 -40.44 31.71
C GLN A 56 5.01 -39.69 30.79
N ARG A 57 4.52 -39.20 29.64
CA ARG A 57 5.34 -38.44 28.73
C ARG A 57 5.08 -36.94 28.82
N LYS A 58 4.07 -36.52 29.57
CA LYS A 58 3.80 -35.10 29.85
C LYS A 58 3.60 -34.31 28.55
N SER A 59 2.73 -34.81 27.68
CA SER A 59 2.48 -34.17 26.40
C SER A 59 1.17 -34.68 25.84
N TRP A 60 0.70 -34.00 24.79
CA TRP A 60 -0.52 -34.39 24.09
C TRP A 60 -0.19 -35.33 22.93
N HIS A 61 -1.05 -36.32 22.73
CA HIS A 61 -0.86 -37.31 21.67
C HIS A 61 -2.22 -37.71 21.10
N PRO A 62 -2.29 -37.98 19.79
CA PRO A 62 -3.56 -38.44 19.21
C PRO A 62 -3.92 -39.85 19.64
N VAL A 63 -5.05 -40.36 19.15
CA VAL A 63 -5.54 -41.69 19.47
C VAL A 63 -5.68 -42.49 18.19
N CYS A 64 -5.21 -43.73 18.21
CA CYS A 64 -5.32 -44.60 17.05
C CYS A 64 -6.75 -45.08 16.87
N GLN A 65 -7.14 -45.27 15.61
CA GLN A 65 -8.46 -45.82 15.29
C GLN A 65 -8.60 -47.26 15.78
N ASP A 66 -7.48 -47.94 16.03
CA ASP A 66 -7.49 -49.35 16.44
C ASP A 66 -8.37 -49.57 17.66
N ASP A 67 -9.40 -50.41 17.51
CA ASP A 67 -10.36 -50.73 18.56
C ASP A 67 -11.03 -49.46 19.09
N TRP A 68 -11.76 -48.79 18.19
CA TRP A 68 -12.51 -47.59 18.52
C TRP A 68 -13.89 -47.68 17.87
N ASN A 69 -14.93 -47.36 18.65
CA ASN A 69 -16.30 -47.39 18.15
C ASN A 69 -17.04 -46.16 18.66
N GLU A 70 -18.35 -46.14 18.42
CA GLU A 70 -19.14 -44.96 18.73
C GLU A 70 -19.30 -44.76 20.24
N ASN A 71 -19.45 -45.86 20.99
CA ASN A 71 -19.63 -45.74 22.43
C ASN A 71 -18.43 -45.10 23.11
N TYR A 72 -17.23 -45.32 22.56
CA TYR A 72 -16.05 -44.66 23.10
C TYR A 72 -16.07 -43.17 22.80
N GLY A 73 -16.69 -42.77 21.69
CA GLY A 73 -16.76 -41.36 21.35
C GLY A 73 -17.66 -40.57 22.29
N ARG A 74 -18.78 -41.18 22.70
CA ARG A 74 -19.65 -40.52 23.66
C ARG A 74 -19.00 -40.36 25.02
N ALA A 75 -18.00 -41.20 25.34
CA ALA A 75 -17.26 -41.01 26.58
C ALA A 75 -16.31 -39.83 26.50
N ALA A 76 -15.86 -39.48 25.29
CA ALA A 76 -14.96 -38.35 25.12
C ALA A 76 -15.74 -37.04 25.07
N CYS A 77 -16.92 -37.03 24.45
CA CYS A 77 -17.70 -35.81 24.36
C CYS A 77 -18.28 -35.42 25.72
N ARG A 78 -18.74 -36.40 26.50
CA ARG A 78 -19.20 -36.10 27.85
C ARG A 78 -18.07 -35.59 28.73
N ASP A 79 -16.83 -36.00 28.43
CA ASP A 79 -15.71 -35.59 29.27
C ASP A 79 -15.43 -34.10 29.12
N MET A 80 -15.51 -33.58 27.89
CA MET A 80 -15.28 -32.15 27.67
C MET A 80 -16.45 -31.29 28.14
N GLY A 81 -17.64 -31.85 28.27
CA GLY A 81 -18.78 -31.12 28.81
C GLY A 81 -19.96 -31.00 27.88
N TYR A 82 -19.94 -31.73 26.77
CA TYR A 82 -21.05 -31.68 25.82
C TYR A 82 -22.23 -32.54 26.23
N LYS A 83 -22.08 -33.37 27.25
CA LYS A 83 -23.16 -34.21 27.81
C LYS A 83 -23.67 -35.15 26.72
N ASN A 84 -24.98 -35.28 26.52
CA ASN A 84 -25.58 -36.25 25.61
C ASN A 84 -25.29 -35.98 24.14
N ASN A 85 -24.58 -34.91 23.81
CA ASN A 85 -24.34 -34.57 22.42
C ASN A 85 -23.27 -35.46 21.80
N PHE A 86 -23.46 -35.80 20.53
CA PHE A 86 -22.51 -36.56 19.73
C PHE A 86 -22.92 -36.42 18.27
N TYR A 87 -21.93 -36.30 17.39
CA TYR A 87 -22.19 -36.03 15.97
C TYR A 87 -21.60 -37.12 15.07
N SER A 88 -20.27 -37.22 14.99
CA SER A 88 -19.66 -38.22 14.12
C SER A 88 -18.26 -38.52 14.64
N SER A 89 -17.66 -39.57 14.07
CA SER A 89 -16.31 -39.97 14.42
C SER A 89 -15.78 -40.89 13.34
N GLN A 90 -14.59 -40.57 12.81
CA GLN A 90 -13.97 -41.36 11.75
C GLN A 90 -12.46 -41.36 11.95
N GLY A 91 -11.75 -41.98 11.02
CA GLY A 91 -10.30 -42.01 11.03
C GLY A 91 -9.73 -41.29 9.82
N ILE A 92 -8.61 -40.61 10.03
CA ILE A 92 -7.97 -39.84 8.97
C ILE A 92 -6.46 -39.94 9.09
N VAL A 93 -5.75 -39.30 8.17
CA VAL A 93 -4.30 -39.21 8.24
C VAL A 93 -3.92 -38.11 9.22
N ASP A 94 -2.93 -38.36 10.07
CA ASP A 94 -2.57 -37.41 11.10
C ASP A 94 -1.82 -36.23 10.50
N ASP A 95 -2.22 -35.02 10.91
CA ASP A 95 -1.51 -33.81 10.49
C ASP A 95 -1.28 -32.84 11.65
N SER A 96 -1.29 -33.34 12.89
CA SER A 96 -1.06 -32.52 14.07
C SER A 96 0.43 -32.38 14.40
N GLY A 97 1.31 -32.82 13.51
CA GLY A 97 2.74 -32.73 13.76
C GLY A 97 3.20 -33.57 14.94
N SER A 98 2.54 -34.68 15.20
CA SER A 98 2.84 -35.52 16.35
C SER A 98 3.63 -36.75 15.93
N THR A 99 4.45 -37.26 16.86
CA THR A 99 5.28 -38.43 16.63
C THR A 99 4.79 -39.63 17.43
N SER A 100 4.85 -39.55 18.75
CA SER A 100 4.34 -40.64 19.59
C SER A 100 2.83 -40.70 19.51
N PHE A 101 2.30 -41.91 19.32
CA PHE A 101 0.86 -42.13 19.17
C PHE A 101 0.31 -42.90 20.36
N MET A 102 -0.93 -42.57 20.74
CA MET A 102 -1.61 -43.15 21.89
C MET A 102 -0.75 -43.16 23.15
N ASP A 112 -7.06 -38.39 34.08
CA ASP A 112 -8.51 -38.40 34.01
C ASP A 112 -9.10 -39.68 34.61
N ILE A 113 -10.40 -39.83 34.47
CA ILE A 113 -11.11 -41.02 34.94
C ILE A 113 -11.32 -41.96 33.76
N TYR A 114 -11.19 -43.26 34.01
CA TYR A 114 -11.26 -44.29 32.97
C TYR A 114 -10.29 -43.97 31.83
N LYS A 115 -9.01 -44.11 32.14
CA LYS A 115 -7.93 -43.79 31.21
C LYS A 115 -7.39 -45.09 30.62
N LYS A 116 -7.76 -45.38 29.37
CA LYS A 116 -7.23 -46.54 28.66
C LYS A 116 -5.88 -46.14 28.06
N LEU A 117 -4.85 -46.26 28.89
CA LEU A 117 -3.51 -45.77 28.55
C LEU A 117 -2.70 -46.92 27.97
N TYR A 118 -2.54 -46.93 26.65
CA TYR A 118 -1.63 -47.86 25.98
C TYR A 118 -0.81 -47.04 24.98
N HIS A 119 0.40 -46.67 25.39
CA HIS A 119 1.28 -45.86 24.57
C HIS A 119 2.03 -46.70 23.55
N SER A 120 2.45 -46.06 22.46
CA SER A 120 3.16 -46.75 21.40
C SER A 120 4.08 -45.78 20.65
N ASP A 121 4.19 -45.96 19.34
CA ASP A 121 4.99 -45.08 18.51
C ASP A 121 4.47 -45.11 17.07
N ALA A 122 3.60 -46.08 16.78
CA ALA A 122 3.03 -46.21 15.44
C ALA A 122 1.66 -46.86 15.56
N CYS A 123 0.65 -46.23 14.96
CA CYS A 123 -0.70 -46.78 14.97
C CYS A 123 -0.84 -47.87 13.93
N SER A 124 -1.60 -48.92 14.27
CA SER A 124 -1.98 -49.90 13.28
C SER A 124 -3.01 -49.31 12.33
N SER A 125 -3.02 -49.81 11.09
CA SER A 125 -3.90 -49.35 10.03
C SER A 125 -3.62 -47.89 9.65
N LYS A 126 -2.66 -47.26 10.32
CA LYS A 126 -2.19 -45.92 9.98
C LYS A 126 -3.33 -44.91 9.93
N ALA A 127 -4.04 -44.79 11.06
CA ALA A 127 -5.22 -43.93 11.10
C ALA A 127 -5.41 -43.39 12.51
N VAL A 128 -5.57 -42.07 12.62
CA VAL A 128 -5.93 -41.41 13.86
C VAL A 128 -7.41 -41.05 13.81
N VAL A 129 -8.06 -41.07 14.96
CA VAL A 129 -9.50 -40.88 15.04
C VAL A 129 -9.80 -39.41 15.23
N SER A 130 -10.81 -38.92 14.51
CA SER A 130 -11.31 -37.56 14.64
C SER A 130 -12.82 -37.62 14.85
N LEU A 131 -13.30 -36.95 15.88
CA LEU A 131 -14.72 -36.96 16.21
C LEU A 131 -15.23 -35.54 16.42
N ARG A 132 -16.51 -35.35 16.11
CA ARG A 132 -17.23 -34.11 16.35
C ARG A 132 -18.35 -34.38 17.34
N CYS A 133 -18.51 -33.48 18.31
CA CYS A 133 -19.47 -33.69 19.39
C CYS A 133 -20.80 -32.98 19.17
N ILE A 134 -20.89 -32.06 18.21
CA ILE A 134 -22.13 -31.35 17.95
C ILE A 134 -22.07 -30.79 16.54
N ALA A 135 -23.23 -30.71 15.88
CA ALA A 135 -23.32 -30.18 14.53
C ALA A 135 -23.34 -28.66 14.58
N CYS A 136 -22.26 -28.04 14.15
CA CYS A 136 -22.13 -26.58 14.21
C CYS A 136 -21.40 -26.09 12.96
N GLY A 137 -21.30 -24.76 12.84
CA GLY A 137 -20.53 -24.15 11.78
C GLY A 137 -21.12 -24.27 10.40
N VAL A 138 -22.44 -24.34 10.29
CA VAL A 138 -23.13 -24.43 9.00
C VAL A 138 -24.14 -23.29 8.91
N ASN A 139 -24.29 -22.73 7.72
CA ASN A 139 -25.23 -21.63 7.50
C ASN A 139 -25.72 -21.68 6.05
N LEU A 140 -26.36 -20.60 5.61
CA LEU A 140 -26.88 -20.52 4.26
C LEU A 140 -25.73 -20.54 3.26
N ASN A 141 -25.82 -21.44 2.27
CA ASN A 141 -24.80 -21.62 1.25
C ASN A 141 -23.43 -21.94 1.85
N GLU A 152 -26.47 -4.80 2.45
CA GLU A 152 -27.91 -4.83 2.67
C GLU A 152 -28.26 -5.49 4.00
N SER A 153 -29.39 -6.18 4.03
CA SER A 153 -29.88 -6.84 5.23
C SER A 153 -29.53 -8.32 5.20
N ALA A 154 -29.41 -8.91 6.39
CA ALA A 154 -29.11 -10.33 6.50
C ALA A 154 -30.34 -11.15 6.15
N LEU A 155 -30.12 -12.24 5.43
CA LEU A 155 -31.19 -13.15 5.07
C LEU A 155 -31.42 -14.17 6.20
N PRO A 156 -32.61 -14.77 6.25
CA PRO A 156 -32.85 -15.83 7.23
C PRO A 156 -31.92 -17.02 7.01
N GLY A 157 -31.41 -17.56 8.10
CA GLY A 157 -30.47 -18.65 8.04
C GLY A 157 -29.04 -18.26 7.75
N ALA A 158 -28.76 -16.98 7.54
CA ALA A 158 -27.40 -16.56 7.21
C ALA A 158 -26.50 -16.57 8.44
N TRP A 159 -27.04 -16.20 9.60
CA TRP A 159 -26.31 -16.21 10.87
C TRP A 159 -27.21 -16.81 11.94
N PRO A 160 -27.39 -18.13 11.91
CA PRO A 160 -28.37 -18.76 12.81
C PRO A 160 -27.95 -18.79 14.28
N TRP A 161 -26.72 -18.44 14.60
CA TRP A 161 -26.24 -18.46 15.97
C TRP A 161 -26.39 -17.13 16.69
N GLN A 162 -26.86 -16.10 15.99
CA GLN A 162 -26.99 -14.76 16.57
C GLN A 162 -28.27 -14.67 17.40
N VAL A 163 -28.18 -13.99 18.55
CA VAL A 163 -29.33 -13.76 19.42
C VAL A 163 -29.34 -12.30 19.87
N SER A 164 -30.54 -11.86 20.28
CA SER A 164 -30.74 -10.54 20.87
C SER A 164 -31.20 -10.72 22.32
N LEU A 165 -30.58 -9.98 23.23
CA LEU A 165 -30.82 -10.13 24.67
C LEU A 165 -31.50 -8.86 25.18
N HIS A 166 -32.66 -9.02 25.82
CA HIS A 166 -33.52 -7.91 26.21
C HIS A 166 -33.56 -7.74 27.73
N VAL A 167 -33.77 -6.50 28.16
CA VAL A 167 -34.00 -6.14 29.55
C VAL A 167 -35.08 -5.07 29.57
N GLN A 168 -36.16 -5.32 30.33
CA GLN A 168 -37.31 -4.41 30.38
C GLN A 168 -37.87 -4.14 28.98
N ASN A 169 -37.88 -5.19 28.15
CA ASN A 169 -38.51 -5.18 26.83
C ASN A 169 -37.79 -4.27 25.84
N VAL A 170 -36.46 -4.15 25.96
CA VAL A 170 -35.66 -3.39 25.00
C VAL A 170 -34.32 -4.11 24.80
N HIS A 171 -33.88 -4.15 23.54
CA HIS A 171 -32.60 -4.78 23.20
C HIS A 171 -31.45 -4.07 23.91
N VAL A 172 -30.51 -4.86 24.44
CA VAL A 172 -29.40 -4.32 25.22
C VAL A 172 -28.06 -4.82 24.70
N CYS A 173 -27.92 -6.14 24.54
CA CYS A 173 -26.67 -6.73 24.10
C CYS A 173 -26.96 -7.85 23.10
N GLY A 174 -25.89 -8.47 22.58
CA GLY A 174 -26.01 -9.61 21.70
C GLY A 174 -25.17 -10.77 22.21
N GLY A 175 -25.33 -11.92 21.55
CA GLY A 175 -24.61 -13.11 21.96
C GLY A 175 -24.60 -14.17 20.87
N SER A 176 -23.90 -15.27 21.17
CA SER A 176 -23.74 -16.38 20.23
C SER A 176 -24.10 -17.69 20.91
N ILE A 177 -24.61 -18.63 20.11
CA ILE A 177 -25.06 -19.93 20.60
C ILE A 177 -23.99 -20.97 20.32
N ILE A 178 -23.62 -21.73 21.36
CA ILE A 178 -22.69 -22.83 21.22
C ILE A 178 -23.37 -24.18 21.44
N THR A 179 -24.23 -24.27 22.45
CA THR A 179 -25.05 -25.45 22.70
C THR A 179 -26.49 -24.98 22.84
N PRO A 180 -27.48 -25.90 22.74
CA PRO A 180 -28.88 -25.48 22.84
C PRO A 180 -29.27 -24.83 24.16
N GLU A 181 -28.35 -24.76 25.12
CA GLU A 181 -28.61 -24.12 26.39
C GLU A 181 -27.61 -23.04 26.78
N TRP A 182 -26.49 -22.91 26.06
CA TRP A 182 -25.40 -22.02 26.46
C TRP A 182 -25.22 -20.90 25.43
N ILE A 183 -24.93 -19.70 25.93
CA ILE A 183 -24.78 -18.51 25.09
C ILE A 183 -23.55 -17.75 25.56
N VAL A 184 -22.70 -17.35 24.61
CA VAL A 184 -21.49 -16.58 24.89
C VAL A 184 -21.77 -15.10 24.63
N THR A 185 -21.42 -14.27 25.61
CA THR A 185 -21.61 -12.82 25.50
C THR A 185 -20.43 -12.14 26.18
N ALA A 186 -20.56 -10.84 26.45
CA ALA A 186 -19.51 -10.05 27.05
C ALA A 186 -19.78 -9.79 28.53
N ALA A 187 -18.70 -9.67 29.31
CA ALA A 187 -18.84 -9.49 30.75
C ALA A 187 -19.34 -8.10 31.11
N HIS A 188 -19.01 -7.08 30.31
CA HIS A 188 -19.44 -5.73 30.66
C HIS A 188 -20.94 -5.51 30.42
N CYS A 189 -21.63 -6.47 29.79
CA CYS A 189 -23.07 -6.40 29.67
C CYS A 189 -23.79 -6.74 30.97
N VAL A 190 -23.11 -7.38 31.92
CA VAL A 190 -23.78 -7.93 33.10
C VAL A 190 -23.13 -7.45 34.38
N GLU A 191 -22.71 -6.19 34.41
CA GLU A 191 -22.24 -5.61 35.67
C GLU A 191 -23.44 -5.34 36.59
N LYS A 192 -23.13 -5.05 37.84
CA LYS A 192 -24.18 -4.72 38.81
C LYS A 192 -24.94 -3.50 38.32
N PRO A 193 -26.29 -3.51 38.40
CA PRO A 193 -27.18 -4.52 38.99
C PRO A 193 -27.67 -5.60 38.03
N LEU A 194 -27.14 -5.73 36.83
CA LEU A 194 -27.62 -6.71 35.86
C LEU A 194 -26.94 -8.07 36.02
N ASN A 195 -26.48 -8.38 37.22
CA ASN A 195 -25.96 -9.71 37.52
C ASN A 195 -27.06 -10.73 37.81
N ASN A 196 -28.24 -10.26 38.18
CA ASN A 196 -29.37 -11.16 38.46
C ASN A 196 -29.86 -11.78 37.16
N PRO A 197 -29.92 -13.11 37.05
CA PRO A 197 -30.32 -13.74 35.79
C PRO A 197 -31.79 -13.52 35.41
N TRP A 198 -32.62 -13.02 36.33
CA TRP A 198 -34.04 -12.85 36.04
C TRP A 198 -34.33 -11.67 35.14
N HIS A 199 -33.40 -10.72 35.01
CA HIS A 199 -33.62 -9.56 34.16
C HIS A 199 -33.61 -9.90 32.67
N TRP A 200 -32.99 -11.01 32.29
CA TRP A 200 -32.58 -11.24 30.91
C TRP A 200 -33.51 -12.23 30.21
N THR A 201 -33.77 -11.97 28.93
CA THR A 201 -34.47 -12.89 28.04
C THR A 201 -33.78 -12.85 26.67
N ALA A 202 -33.96 -13.93 25.92
CA ALA A 202 -33.26 -14.11 24.65
C ALA A 202 -34.25 -14.35 23.52
N PHE A 203 -33.89 -13.87 22.33
CA PHE A 203 -34.67 -14.08 21.11
C PHE A 203 -33.75 -14.64 20.04
N ALA A 204 -34.18 -15.74 19.41
CA ALA A 204 -33.39 -16.41 18.39
C ALA A 204 -34.23 -16.67 17.16
N GLY A 205 -33.57 -16.65 15.99
CA GLY A 205 -34.26 -16.92 14.75
C GLY A 205 -35.13 -15.79 14.25
N ILE A 206 -34.95 -14.59 14.79
CA ILE A 206 -35.76 -13.42 14.45
C ILE A 206 -34.84 -12.28 14.05
N LEU A 207 -35.12 -11.66 12.91
CA LEU A 207 -34.24 -10.66 12.34
C LEU A 207 -34.65 -9.22 12.67
N ARG A 208 -35.89 -8.99 13.07
CA ARG A 208 -36.39 -7.64 13.28
C ARG A 208 -36.75 -7.43 14.76
N GLN A 209 -36.46 -6.22 15.25
CA GLN A 209 -36.73 -5.90 16.65
C GLN A 209 -38.22 -5.76 16.91
N SER A 210 -38.97 -5.19 15.96
CA SER A 210 -40.41 -5.03 16.14
C SER A 210 -41.15 -6.36 16.15
N PHE A 211 -40.48 -7.46 15.80
CA PHE A 211 -41.08 -8.79 15.82
C PHE A 211 -40.81 -9.54 17.13
N MET A 212 -40.09 -8.92 18.07
CA MET A 212 -39.79 -9.53 19.36
C MET A 212 -40.74 -8.94 20.39
N PHE A 213 -41.76 -9.71 20.76
CA PHE A 213 -42.82 -9.23 21.63
C PHE A 213 -42.58 -9.64 23.08
N TYR A 214 -43.00 -8.77 24.00
CA TYR A 214 -42.85 -9.01 25.42
C TYR A 214 -43.49 -10.34 25.82
N GLY A 215 -42.73 -11.16 26.54
CA GLY A 215 -43.22 -12.43 27.03
C GLY A 215 -43.02 -13.62 26.11
N ALA A 216 -42.42 -13.42 24.95
CA ALA A 216 -42.20 -14.49 23.98
C ALA A 216 -40.72 -14.86 23.83
N GLY A 217 -39.89 -14.45 24.78
CA GLY A 217 -38.47 -14.74 24.75
C GLY A 217 -38.09 -15.77 25.78
N TYR A 218 -37.05 -16.54 25.49
CA TYR A 218 -36.58 -17.57 26.41
C TYR A 218 -36.00 -16.94 27.67
N GLN A 219 -36.36 -17.50 28.82
CA GLN A 219 -35.91 -16.98 30.11
C GLN A 219 -34.50 -17.47 30.41
N VAL A 220 -33.69 -16.58 30.97
CA VAL A 220 -32.30 -16.89 31.31
C VAL A 220 -32.26 -17.51 32.70
N GLU A 221 -31.56 -18.64 32.83
CA GLU A 221 -31.50 -19.37 34.09
C GLU A 221 -30.35 -18.87 34.97
N LYS A 222 -29.16 -18.71 34.39
CA LYS A 222 -28.00 -18.24 35.16
C LYS A 222 -27.03 -17.54 34.23
N VAL A 223 -26.29 -16.57 34.77
CA VAL A 223 -25.24 -15.86 34.05
C VAL A 223 -23.94 -16.00 34.83
N ILE A 224 -22.83 -16.17 34.10
CA ILE A 224 -21.52 -16.37 34.70
C ILE A 224 -20.54 -15.40 34.04
N SER A 225 -20.02 -14.45 34.81
CA SER A 225 -18.95 -13.59 34.33
C SER A 225 -17.60 -14.30 34.46
N HIS A 226 -16.58 -13.69 33.86
CA HIS A 226 -15.26 -14.28 34.03
C HIS A 226 -14.68 -13.88 35.39
N PRO A 227 -14.07 -14.82 36.11
CA PRO A 227 -13.56 -14.50 37.46
C PRO A 227 -12.44 -13.47 37.48
N ASN A 228 -11.83 -13.15 36.34
CA ASN A 228 -10.74 -12.17 36.30
C ASN A 228 -11.09 -11.00 35.38
N TYR A 229 -12.28 -10.44 35.54
CA TYR A 229 -12.71 -9.28 34.77
C TYR A 229 -12.38 -7.99 35.52
N ASP A 230 -12.15 -6.92 34.76
CA ASP A 230 -11.85 -5.61 35.32
C ASP A 230 -12.48 -4.56 34.42
N SER A 231 -13.39 -3.75 34.98
CA SER A 231 -14.16 -2.83 34.15
C SER A 231 -13.30 -1.66 33.65
N LYS A 232 -12.26 -1.28 34.40
CA LYS A 232 -11.44 -0.14 34.00
C LYS A 232 -10.71 -0.41 32.69
N THR A 233 -9.98 -1.53 32.63
CA THR A 233 -9.18 -1.87 31.48
C THR A 233 -9.88 -2.81 30.50
N LYS A 234 -11.03 -3.38 30.88
CA LYS A 234 -11.82 -4.26 30.02
C LYS A 234 -11.05 -5.53 29.64
N ASN A 235 -10.24 -6.04 30.57
CA ASN A 235 -9.47 -7.25 30.34
C ASN A 235 -10.29 -8.48 30.74
N ASN A 236 -10.28 -9.50 29.89
CA ASN A 236 -11.10 -10.71 30.07
C ASN A 236 -12.59 -10.37 30.07
N ASP A 237 -13.04 -9.71 28.99
CA ASP A 237 -14.43 -9.29 28.86
C ASP A 237 -15.21 -10.40 28.15
N ILE A 238 -15.64 -11.39 28.94
CA ILE A 238 -16.40 -12.52 28.42
C ILE A 238 -17.31 -13.05 29.52
N ALA A 239 -18.47 -13.57 29.12
CA ALA A 239 -19.45 -14.07 30.06
C ALA A 239 -20.32 -15.13 29.39
N LEU A 240 -20.91 -16.00 30.20
CA LEU A 240 -21.74 -17.09 29.75
C LEU A 240 -23.15 -16.95 30.31
N MET A 241 -24.15 -17.30 29.50
CA MET A 241 -25.54 -17.31 29.91
C MET A 241 -26.15 -18.68 29.63
N LYS A 242 -27.00 -19.14 30.54
CA LYS A 242 -27.64 -20.45 30.47
C LYS A 242 -29.14 -20.28 30.42
N LEU A 243 -29.79 -21.01 29.51
CA LEU A 243 -31.23 -20.88 29.30
C LEU A 243 -31.99 -21.80 30.24
N GLN A 244 -33.30 -21.59 30.31
CA GLN A 244 -34.15 -22.39 31.19
C GLN A 244 -34.65 -23.63 30.46
N LYS A 245 -35.10 -23.48 29.21
CA LYS A 245 -35.46 -24.58 28.35
C LYS A 245 -34.66 -24.52 27.07
N PRO A 246 -34.16 -25.64 26.57
CA PRO A 246 -33.29 -25.61 25.39
C PRO A 246 -34.05 -25.23 24.13
N LEU A 247 -33.30 -24.66 23.18
CA LEU A 247 -33.84 -24.27 21.90
C LEU A 247 -34.03 -25.48 21.00
N THR A 248 -34.83 -25.30 19.95
CA THR A 248 -35.07 -26.33 18.94
C THR A 248 -34.38 -25.90 17.66
N PHE A 249 -33.31 -26.59 17.30
CA PHE A 249 -32.53 -26.22 16.13
C PHE A 249 -33.29 -26.51 14.84
N ASN A 250 -33.05 -25.68 13.82
CA ASN A 250 -33.71 -25.81 12.54
C ASN A 250 -32.92 -24.99 11.51
N ASP A 251 -33.56 -24.68 10.37
CA ASP A 251 -32.91 -23.90 9.33
C ASP A 251 -32.64 -22.46 9.73
N LEU A 252 -33.20 -22.00 10.86
CA LEU A 252 -33.02 -20.63 11.30
C LEU A 252 -32.25 -20.49 12.60
N VAL A 253 -32.11 -21.56 13.38
CA VAL A 253 -31.40 -21.53 14.66
C VAL A 253 -30.43 -22.70 14.66
N LYS A 254 -29.13 -22.40 14.66
CA LYS A 254 -28.06 -23.39 14.72
C LYS A 254 -26.93 -22.82 15.54
N PRO A 255 -26.10 -23.66 16.14
CA PRO A 255 -24.96 -23.18 16.91
C PRO A 255 -23.71 -22.99 16.06
N VAL A 256 -22.71 -22.34 16.66
CA VAL A 256 -21.43 -22.09 16.02
C VAL A 256 -20.34 -22.83 16.81
N CYS A 257 -19.35 -23.33 16.09
CA CYS A 257 -18.31 -24.16 16.70
C CYS A 257 -17.33 -23.32 17.50
N LEU A 258 -16.92 -23.85 18.66
CA LEU A 258 -15.83 -23.27 19.42
C LEU A 258 -14.50 -23.56 18.71
N PRO A 259 -13.47 -22.75 18.97
CA PRO A 259 -12.20 -22.95 18.28
C PRO A 259 -11.30 -23.98 18.95
N ASN A 260 -10.64 -24.79 18.12
CA ASN A 260 -9.67 -25.76 18.58
C ASN A 260 -8.28 -25.13 18.63
N PRO A 261 -7.33 -25.78 19.29
CA PRO A 261 -5.93 -25.36 19.17
C PRO A 261 -5.35 -25.76 17.81
N GLY A 262 -4.38 -24.97 17.37
CA GLY A 262 -3.75 -25.21 16.08
C GLY A 262 -4.64 -24.80 14.92
N MET A 263 -5.19 -23.59 14.98
CA MET A 263 -6.08 -23.12 13.92
C MET A 263 -5.32 -22.57 12.72
N MET A 264 -4.08 -22.11 12.92
CA MET A 264 -3.23 -21.61 11.83
C MET A 264 -3.90 -20.43 11.11
N LEU A 265 -4.36 -19.46 11.89
CA LEU A 265 -5.01 -18.29 11.32
C LEU A 265 -3.98 -17.34 10.72
N GLN A 266 -4.34 -16.76 9.57
CA GLN A 266 -3.44 -15.88 8.85
C GLN A 266 -3.26 -14.56 9.60
N PRO A 267 -2.17 -13.83 9.33
CA PRO A 267 -1.99 -12.52 9.98
C PRO A 267 -3.15 -11.55 9.75
N GLU A 268 -3.75 -11.56 8.55
CA GLU A 268 -4.89 -10.72 8.27
C GLU A 268 -6.06 -11.57 7.77
N GLN A 269 -6.51 -12.51 8.60
CA GLN A 269 -7.56 -13.44 8.19
C GLN A 269 -8.87 -12.70 7.93
N LEU A 270 -9.60 -13.15 6.91
CA LEU A 270 -10.90 -12.58 6.59
C LEU A 270 -11.95 -13.10 7.58
N CYS A 271 -12.77 -12.19 8.10
CA CYS A 271 -13.76 -12.53 9.13
C CYS A 271 -15.07 -11.81 8.85
N TRP A 272 -16.07 -12.07 9.69
CA TRP A 272 -17.38 -11.45 9.59
C TRP A 272 -17.87 -11.05 10.98
N ILE A 273 -18.67 -9.99 11.03
CA ILE A 273 -19.37 -9.58 12.23
C ILE A 273 -20.84 -9.35 11.89
N SER A 274 -21.69 -9.43 12.90
CA SER A 274 -23.12 -9.22 12.71
C SER A 274 -23.70 -8.58 13.98
N GLY A 275 -24.86 -7.94 13.82
CA GLY A 275 -25.53 -7.36 14.96
C GLY A 275 -26.56 -6.33 14.53
N TRP A 276 -27.12 -5.66 15.54
CA TRP A 276 -28.13 -4.63 15.35
C TRP A 276 -27.60 -3.24 15.68
N GLY A 277 -26.28 -3.05 15.57
CA GLY A 277 -25.69 -1.77 15.93
C GLY A 277 -26.00 -0.67 14.94
N ALA A 278 -25.87 0.57 15.41
CA ALA A 278 -26.17 1.74 14.58
C ALA A 278 -24.96 2.12 13.74
N THR A 279 -25.23 2.88 12.66
CA THR A 279 -24.16 3.36 11.81
C THR A 279 -23.38 4.49 12.47
N GLU A 280 -24.04 5.29 13.30
CA GLU A 280 -23.40 6.29 14.12
C GLU A 280 -23.25 5.78 15.56
N GLU A 281 -22.26 6.30 16.27
CA GLU A 281 -21.94 5.77 17.59
C GLU A 281 -23.00 6.10 18.63
N LYS A 282 -23.83 7.12 18.40
CA LYS A 282 -24.91 7.48 19.31
C LYS A 282 -26.29 7.25 18.71
N GLY A 283 -26.38 6.59 17.55
CA GLY A 283 -27.65 6.39 16.90
C GLY A 283 -28.51 5.33 17.56
N LYS A 284 -29.73 5.20 17.05
CA LYS A 284 -30.68 4.23 17.57
C LYS A 284 -30.34 2.82 17.08
N THR A 285 -30.82 1.83 17.83
CA THR A 285 -30.64 0.43 17.45
C THR A 285 -31.32 0.16 16.12
N SER A 286 -30.64 -0.60 15.26
CA SER A 286 -31.18 -0.94 13.95
C SER A 286 -32.39 -1.85 14.09
N GLU A 287 -33.40 -1.61 13.25
CA GLU A 287 -34.58 -2.48 13.25
C GLU A 287 -34.25 -3.84 12.66
N VAL A 288 -33.36 -3.88 11.66
CA VAL A 288 -33.04 -5.11 10.95
C VAL A 288 -31.59 -5.49 11.22
N LEU A 289 -31.31 -6.79 11.10
CA LEU A 289 -29.98 -7.33 11.36
C LEU A 289 -29.07 -7.13 10.14
N ASN A 290 -27.81 -6.77 10.41
CA ASN A 290 -26.83 -6.51 9.36
C ASN A 290 -25.54 -7.27 9.64
N ALA A 291 -24.67 -7.30 8.62
CA ALA A 291 -23.38 -7.98 8.73
C ALA A 291 -22.41 -7.36 7.74
N ALA A 292 -21.11 -7.55 8.00
CA ALA A 292 -20.07 -6.97 7.16
C ALA A 292 -18.75 -7.71 7.39
N LYS A 293 -17.83 -7.55 6.43
CA LYS A 293 -16.53 -8.20 6.50
C LYS A 293 -15.52 -7.32 7.22
N VAL A 294 -14.60 -7.98 7.95
CA VAL A 294 -13.48 -7.31 8.61
C VAL A 294 -12.26 -8.21 8.49
N LEU A 295 -11.09 -7.61 8.70
CA LEU A 295 -9.81 -8.33 8.66
C LEU A 295 -9.12 -8.23 10.01
N LEU A 296 -8.44 -9.30 10.41
CA LEU A 296 -7.64 -9.27 11.62
C LEU A 296 -6.48 -8.29 11.48
N ILE A 297 -6.03 -7.78 12.62
CA ILE A 297 -4.91 -6.85 12.69
C ILE A 297 -3.94 -7.38 13.75
N GLU A 298 -2.69 -7.58 13.38
CA GLU A 298 -1.70 -8.16 14.29
C GLU A 298 -1.60 -7.35 15.57
N THR A 299 -1.40 -8.05 16.68
CA THR A 299 -1.44 -7.41 18.00
C THR A 299 -0.35 -6.35 18.14
N GLN A 300 0.86 -6.63 17.64
CA GLN A 300 1.95 -5.67 17.78
C GLN A 300 1.65 -4.38 17.02
N ARG A 301 1.00 -4.49 15.86
CA ARG A 301 0.57 -3.30 15.13
C ARG A 301 -0.54 -2.57 15.88
N CYS A 302 -1.51 -3.31 16.41
CA CYS A 302 -2.62 -2.70 17.13
C CYS A 302 -2.18 -2.04 18.42
N ASN A 303 -1.04 -2.45 18.97
CA ASN A 303 -0.53 -1.94 20.25
C ASN A 303 0.49 -0.82 20.08
N SER A 304 0.75 -0.38 18.85
CA SER A 304 1.77 0.64 18.61
C SER A 304 1.26 2.02 19.03
N ARG A 305 2.19 2.99 19.02
CA ARG A 305 1.90 4.33 19.51
C ARG A 305 0.78 5.01 18.73
N TYR A 306 0.65 4.70 17.44
CA TYR A 306 -0.29 5.39 16.57
C TYR A 306 -1.65 4.70 16.49
N VAL A 307 -1.90 3.68 17.30
CA VAL A 307 -3.21 3.02 17.34
C VAL A 307 -3.75 3.05 18.77
N TYR A 308 -3.50 1.97 19.51
CA TYR A 308 -3.96 1.84 20.90
C TYR A 308 -2.74 1.57 21.77
N ASP A 309 -1.96 2.62 22.02
CA ASP A 309 -0.67 2.56 22.70
C ASP A 309 -0.71 1.75 24.00
N ASN A 310 -0.19 0.52 23.94
CA ASN A 310 0.02 -0.32 25.12
C ASN A 310 -1.28 -0.63 25.86
N LEU A 311 -2.36 -0.84 25.12
CA LEU A 311 -3.66 -1.12 25.71
C LEU A 311 -4.21 -2.51 25.38
N ILE A 312 -3.53 -3.30 24.55
CA ILE A 312 -4.02 -4.60 24.13
C ILE A 312 -3.25 -5.67 24.88
N THR A 313 -3.98 -6.56 25.55
CA THR A 313 -3.43 -7.63 26.37
C THR A 313 -3.52 -8.97 25.64
N PRO A 314 -2.87 -10.02 26.16
CA PRO A 314 -2.98 -11.33 25.51
C PRO A 314 -4.40 -11.86 25.41
N ALA A 315 -5.33 -11.35 26.20
CA ALA A 315 -6.71 -11.81 26.15
C ALA A 315 -7.57 -11.01 25.17
N MET A 316 -6.96 -10.18 24.33
CA MET A 316 -7.67 -9.34 23.39
C MET A 316 -7.21 -9.63 21.97
N ILE A 317 -8.01 -9.15 21.00
CA ILE A 317 -7.70 -9.33 19.58
C ILE A 317 -8.36 -8.19 18.80
N CYS A 318 -7.66 -7.70 17.78
CA CYS A 318 -8.11 -6.56 17.00
C CYS A 318 -8.57 -7.00 15.62
N ALA A 319 -9.58 -6.31 15.10
CA ALA A 319 -10.09 -6.57 13.76
C ALA A 319 -10.81 -5.33 13.25
N GLY A 320 -10.67 -5.07 11.96
CA GLY A 320 -11.32 -3.93 11.34
C GLY A 320 -10.46 -3.37 10.22
N PHE A 321 -10.40 -2.04 10.14
CA PHE A 321 -9.60 -1.35 9.14
C PHE A 321 -8.98 -0.11 9.75
N LEU A 322 -7.72 0.14 9.40
CA LEU A 322 -7.01 1.33 9.88
C LEU A 322 -7.25 2.54 8.99
N GLN A 323 -7.82 2.37 7.79
CA GLN A 323 -8.06 3.47 6.90
C GLN A 323 -9.34 4.21 7.29
N GLY A 324 -9.75 5.17 6.47
CA GLY A 324 -10.72 6.16 6.86
C GLY A 324 -12.18 5.77 7.00
N ASN A 325 -12.89 5.66 5.88
CA ASN A 325 -14.35 5.68 5.88
C ASN A 325 -14.92 4.31 5.50
N VAL A 326 -14.79 3.35 6.41
CA VAL A 326 -15.36 2.02 6.26
C VAL A 326 -16.26 1.76 7.46
N ASP A 327 -17.55 1.59 7.21
CA ASP A 327 -18.52 1.39 8.27
C ASP A 327 -18.44 -0.06 8.77
N SER A 328 -17.93 -0.24 9.98
CA SER A 328 -17.81 -1.55 10.61
C SER A 328 -18.43 -1.54 12.00
N CYS A 329 -19.60 -0.90 12.13
CA CYS A 329 -20.28 -0.76 13.41
C CYS A 329 -21.59 -1.55 13.45
N GLN A 330 -21.69 -2.63 12.66
CA GLN A 330 -22.92 -3.40 12.62
C GLN A 330 -23.19 -4.13 13.93
N GLY A 331 -22.14 -4.57 14.62
CA GLY A 331 -22.31 -5.35 15.83
C GLY A 331 -22.45 -4.51 17.09
N ASP A 332 -22.94 -5.15 18.15
CA ASP A 332 -23.03 -4.54 19.47
C ASP A 332 -22.29 -5.41 20.48
N SER A 333 -22.37 -5.02 21.75
CA SER A 333 -21.60 -5.67 22.80
C SER A 333 -21.94 -7.16 22.89
N GLY A 334 -20.91 -7.98 22.98
CA GLY A 334 -21.06 -9.41 23.10
C GLY A 334 -21.33 -10.16 21.80
N GLY A 335 -21.48 -9.44 20.68
CA GLY A 335 -21.80 -10.07 19.41
C GLY A 335 -20.69 -10.94 18.88
N PRO A 336 -20.99 -11.72 17.84
CA PRO A 336 -20.00 -12.67 17.32
C PRO A 336 -18.99 -12.05 16.37
N LEU A 337 -17.79 -12.62 16.39
CA LEU A 337 -16.75 -12.41 15.39
C LEU A 337 -16.32 -13.79 14.91
N VAL A 338 -16.61 -14.11 13.65
CA VAL A 338 -16.41 -15.47 13.14
C VAL A 338 -15.59 -15.43 11.86
N THR A 339 -14.99 -16.58 11.55
CA THR A 339 -14.25 -16.78 10.32
C THR A 339 -14.50 -18.19 9.80
N SER A 340 -14.33 -18.37 8.51
CA SER A 340 -14.58 -19.64 7.83
C SER A 340 -13.26 -20.30 7.46
N LYS A 341 -13.12 -21.58 7.77
CA LYS A 341 -11.95 -22.34 7.39
C LYS A 341 -12.30 -23.81 7.41
N ASN A 342 -11.90 -24.53 6.36
CA ASN A 342 -12.25 -25.94 6.15
C ASN A 342 -13.77 -26.12 6.09
N ASN A 343 -14.47 -25.09 5.61
CA ASN A 343 -15.93 -25.13 5.41
C ASN A 343 -16.69 -25.18 6.73
N ILE A 344 -16.07 -24.73 7.82
CA ILE A 344 -16.71 -24.64 9.12
C ILE A 344 -16.57 -23.23 9.65
N TRP A 345 -17.62 -22.72 10.29
CA TRP A 345 -17.60 -21.40 10.91
C TRP A 345 -17.16 -21.52 12.36
N TRP A 346 -16.17 -20.72 12.74
CA TRP A 346 -15.58 -20.75 14.07
C TRP A 346 -15.79 -19.41 14.77
N LEU A 347 -16.05 -19.45 16.08
CA LEU A 347 -16.23 -18.25 16.89
C LEU A 347 -14.88 -17.76 17.37
N ILE A 348 -14.47 -16.58 16.90
CA ILE A 348 -13.14 -16.05 17.19
C ILE A 348 -13.15 -15.07 18.34
N GLY A 349 -14.19 -14.23 18.44
CA GLY A 349 -14.23 -13.24 19.50
C GLY A 349 -15.62 -12.72 19.76
N ASP A 350 -15.75 -12.01 20.88
CA ASP A 350 -16.96 -11.27 21.21
C ASP A 350 -16.61 -9.79 21.31
N THR A 351 -17.43 -8.94 20.71
CA THR A 351 -17.09 -7.53 20.60
C THR A 351 -17.05 -6.89 21.98
N SER A 352 -15.96 -6.16 22.25
CA SER A 352 -15.69 -5.62 23.58
C SER A 352 -15.70 -4.11 23.61
N TRP A 353 -14.79 -3.44 22.90
CA TRP A 353 -14.71 -1.98 22.94
C TRP A 353 -14.06 -1.47 21.65
N GLY A 354 -14.13 -0.16 21.47
CA GLY A 354 -13.61 0.52 20.30
C GLY A 354 -13.48 2.02 20.49
N SER A 355 -13.59 2.78 19.41
CA SER A 355 -13.48 4.24 19.49
C SER A 355 -14.03 4.85 18.20
N GLY A 356 -15.34 5.07 18.17
CA GLY A 356 -15.97 5.71 17.03
C GLY A 356 -16.29 4.73 15.91
N CYS A 357 -17.03 5.24 14.92
CA CYS A 357 -17.45 4.45 13.78
C CYS A 357 -16.85 5.04 12.51
N ALA A 358 -16.16 4.19 11.74
CA ALA A 358 -15.57 4.56 10.45
C ALA A 358 -14.57 5.71 10.60
N LYS A 359 -13.72 5.60 11.62
CA LYS A 359 -12.68 6.58 11.88
C LYS A 359 -11.31 5.97 11.61
N ALA A 360 -10.40 6.79 11.09
CA ALA A 360 -9.05 6.31 10.82
C ALA A 360 -8.32 6.01 12.11
N TYR A 361 -7.44 5.00 12.05
CA TYR A 361 -6.53 4.56 13.10
C TYR A 361 -7.21 3.80 14.23
N ARG A 362 -8.54 3.60 14.19
CA ARG A 362 -9.29 3.12 15.36
C ARG A 362 -10.15 1.91 15.02
N PRO A 363 -9.59 0.70 15.12
CA PRO A 363 -10.37 -0.51 14.84
C PRO A 363 -11.17 -0.99 16.04
N GLY A 364 -11.76 -2.17 15.93
CA GLY A 364 -12.52 -2.77 17.02
C GLY A 364 -11.71 -3.79 17.79
N VAL A 365 -11.99 -3.90 19.09
CA VAL A 365 -11.30 -4.80 19.99
C VAL A 365 -12.28 -5.84 20.50
N TYR A 366 -11.83 -7.09 20.56
CA TYR A 366 -12.69 -8.23 20.87
C TYR A 366 -12.05 -9.07 21.96
N GLY A 367 -12.88 -9.86 22.64
CA GLY A 367 -12.39 -10.83 23.60
C GLY A 367 -11.86 -12.06 22.88
N ASN A 368 -10.67 -12.51 23.26
CA ASN A 368 -9.98 -13.59 22.56
C ASN A 368 -10.51 -14.93 23.04
N VAL A 369 -11.34 -15.58 22.22
CA VAL A 369 -12.04 -16.79 22.65
C VAL A 369 -11.07 -17.96 22.83
N MET A 370 -10.04 -18.03 21.99
CA MET A 370 -9.11 -19.16 22.03
C MET A 370 -8.51 -19.35 23.41
N VAL A 371 -8.23 -18.26 24.12
CA VAL A 371 -7.63 -18.35 25.45
C VAL A 371 -8.65 -18.58 26.55
N PHE A 372 -9.94 -18.62 26.22
CA PHE A 372 -11.00 -18.86 27.19
C PHE A 372 -11.68 -20.21 26.99
N THR A 373 -11.17 -21.04 26.09
CA THR A 373 -11.84 -22.30 25.77
C THR A 373 -11.86 -23.26 26.97
N ASP A 374 -10.79 -23.27 27.76
CA ASP A 374 -10.74 -24.16 28.92
C ASP A 374 -11.75 -23.74 29.97
N TRP A 375 -11.80 -22.44 30.29
CA TRP A 375 -12.75 -21.96 31.28
C TRP A 375 -14.19 -22.24 30.87
N ILE A 376 -14.49 -22.22 29.56
CA ILE A 376 -15.84 -22.51 29.10
C ILE A 376 -16.14 -23.99 29.22
N TYR A 377 -15.18 -24.84 28.84
CA TYR A 377 -15.38 -26.28 28.99
C TYR A 377 -15.60 -26.68 30.44
N ARG A 378 -14.99 -25.95 31.38
CA ARG A 378 -15.16 -26.28 32.79
C ARG A 378 -16.52 -25.85 33.31
N GLN A 379 -17.01 -24.68 32.89
CA GLN A 379 -18.33 -24.24 33.32
C GLN A 379 -19.43 -25.10 32.72
N MET A 380 -19.25 -25.56 31.47
CA MET A 380 -20.23 -26.45 30.85
C MET A 380 -20.20 -27.85 31.45
N ARG A 381 -19.10 -28.23 32.09
CA ARG A 381 -18.99 -29.56 32.70
C ARG A 381 -19.57 -29.62 34.10
N ALA A 382 -19.53 -28.50 34.84
CA ALA A 382 -20.05 -28.45 36.20
C ALA A 382 -21.53 -28.08 36.18
N ASP A 383 -22.34 -29.03 35.73
CA ASP A 383 -23.77 -28.85 35.65
C ASP A 383 -24.40 -28.74 37.04
N VAL B 5 9.99 10.73 -43.07
CA VAL B 5 9.71 10.38 -44.45
C VAL B 5 9.61 11.64 -45.32
N LYS B 6 9.92 12.78 -44.73
CA LYS B 6 9.94 14.04 -45.48
C LYS B 6 11.19 14.07 -46.35
N PRO B 7 11.07 14.24 -47.66
CA PRO B 7 12.25 14.22 -48.52
C PRO B 7 13.04 15.52 -48.47
N VAL B 8 14.34 15.39 -48.74
CA VAL B 8 15.19 16.56 -48.89
C VAL B 8 14.79 17.31 -50.16
N ALA B 9 14.80 18.64 -50.09
CA ALA B 9 14.45 19.45 -51.25
C ALA B 9 15.42 19.16 -52.40
N THR B 10 14.95 19.42 -53.62
CA THR B 10 15.72 19.07 -54.81
C THR B 10 17.01 19.88 -54.89
N VAL B 11 16.95 21.18 -54.58
CA VAL B 11 18.15 22.00 -54.44
C VAL B 11 18.27 22.40 -52.98
N HIS B 12 19.49 22.32 -52.45
CA HIS B 12 19.73 22.51 -51.03
C HIS B 12 21.07 23.21 -50.84
N ARG B 13 21.10 24.18 -49.92
CA ARG B 13 22.31 24.93 -49.63
C ARG B 13 22.39 25.21 -48.13
N ARG B 14 23.51 24.84 -47.53
CA ARG B 14 23.74 25.08 -46.11
C ARG B 14 24.33 26.48 -45.89
N ILE B 15 24.32 26.91 -44.64
CA ILE B 15 24.85 28.20 -44.24
C ILE B 15 26.36 28.03 -43.98
N PRO B 16 27.23 28.76 -44.67
CA PRO B 16 28.67 28.65 -44.41
C PRO B 16 29.05 29.31 -43.09
N ASP B 17 30.28 28.99 -42.66
CA ASP B 17 30.91 29.47 -41.43
C ASP B 17 29.96 29.47 -40.23
N LEU B 18 29.24 28.35 -40.03
CA LEU B 18 28.57 28.23 -38.75
C LEU B 18 29.54 27.64 -37.72
N PRO B 19 29.36 27.96 -36.44
CA PRO B 19 30.25 27.40 -35.41
C PRO B 19 29.97 25.93 -35.19
N ASP B 20 30.90 25.28 -34.48
CA ASP B 20 30.74 23.89 -34.10
C ASP B 20 29.80 23.77 -32.90
N CYS B 21 29.11 22.65 -32.81
CA CYS B 21 28.18 22.45 -31.70
C CYS B 21 28.90 22.20 -30.38
N ASP B 22 30.06 21.53 -30.43
CA ASP B 22 30.84 21.18 -29.24
C ASP B 22 30.02 20.34 -28.27
N ILE B 23 29.42 19.26 -28.78
CA ILE B 23 28.61 18.39 -27.94
C ILE B 23 29.49 17.58 -26.99
N ASP B 24 30.66 17.15 -27.46
CA ASP B 24 31.57 16.37 -26.61
C ASP B 24 32.06 17.17 -25.42
N LYS B 25 32.26 18.49 -25.60
CA LYS B 25 32.75 19.31 -24.49
C LYS B 25 31.74 19.41 -23.36
N TRP B 26 30.44 19.40 -23.68
CA TRP B 26 29.43 19.42 -22.62
C TRP B 26 29.28 18.04 -21.98
N LEU B 27 29.29 16.98 -22.78
CA LEU B 27 29.17 15.64 -22.21
C LEU B 27 30.38 15.27 -21.36
N ASN B 28 31.54 15.85 -21.64
CA ASN B 28 32.77 15.53 -20.91
C ASN B 28 33.03 16.50 -19.76
N ASN B 29 32.07 17.35 -19.41
CA ASN B 29 32.25 18.24 -18.26
C ASN B 29 32.43 17.43 -16.98
N PHE B 30 33.29 17.93 -16.09
CA PHE B 30 33.66 17.16 -14.90
C PHE B 30 32.69 17.31 -13.74
N ASN B 31 31.80 18.31 -13.78
CA ASN B 31 30.74 18.45 -12.78
C ASN B 31 29.52 17.70 -13.29
N VAL B 32 29.42 16.45 -12.91
CA VAL B 32 28.41 15.53 -13.44
C VAL B 32 27.22 15.51 -12.49
N PRO B 33 26.00 15.72 -12.97
CA PRO B 33 24.83 15.68 -12.08
C PRO B 33 24.31 14.27 -11.88
N SER B 34 23.52 14.12 -10.81
CA SER B 34 22.83 12.87 -10.52
C SER B 34 21.47 12.84 -11.23
N PRO B 35 20.84 11.67 -11.35
CA PRO B 35 19.53 11.62 -12.00
C PRO B 35 18.46 12.46 -11.31
N LEU B 36 18.61 12.74 -10.02
CA LEU B 36 17.63 13.56 -9.32
C LEU B 36 17.57 14.97 -9.91
N ASN B 37 18.70 15.49 -10.39
CA ASN B 37 18.76 16.80 -11.01
C ASN B 37 19.41 16.70 -12.38
N TRP B 38 18.80 15.92 -13.27
CA TRP B 38 19.33 15.75 -14.62
C TRP B 38 19.33 17.07 -15.38
N GLU B 39 20.34 17.28 -16.21
CA GLU B 39 20.57 18.54 -16.90
C GLU B 39 20.28 18.41 -18.39
N ARG B 40 19.84 19.52 -18.99
CA ARG B 40 19.41 19.56 -20.38
C ARG B 40 20.10 20.70 -21.12
N LYS B 41 20.48 20.47 -22.37
CA LYS B 41 21.03 21.49 -23.25
C LYS B 41 20.53 21.26 -24.67
N ILE B 42 20.22 22.35 -25.36
CA ILE B 42 19.65 22.31 -26.71
C ILE B 42 20.70 22.85 -27.69
N PHE B 43 20.91 22.12 -28.79
CA PHE B 43 21.86 22.51 -29.83
C PHE B 43 21.10 22.81 -31.12
N SER B 44 21.48 23.91 -31.77
CA SER B 44 20.88 24.28 -33.04
C SER B 44 21.76 25.30 -33.74
N ASN B 45 21.67 25.32 -35.08
CA ASN B 45 22.39 26.28 -35.91
C ASN B 45 23.90 26.12 -35.73
N CYS B 46 24.38 24.88 -35.89
CA CYS B 46 25.79 24.56 -35.70
C CYS B 46 26.09 23.26 -36.45
N ASN B 47 27.36 22.87 -36.43
CA ASN B 47 27.83 21.67 -37.13
C ASN B 47 28.34 20.65 -36.12
N PHE B 48 28.11 19.37 -36.41
CA PHE B 48 28.54 18.29 -35.52
C PHE B 48 28.99 17.09 -36.35
N ASN B 49 29.85 16.28 -35.75
CA ASN B 49 30.39 15.08 -36.36
C ASN B 49 30.07 13.89 -35.45
N LEU B 50 29.13 13.06 -35.87
CA LEU B 50 28.68 11.95 -35.02
C LEU B 50 29.79 10.93 -34.81
N SER B 51 30.52 10.57 -35.86
CA SER B 51 31.59 9.60 -35.72
C SER B 51 32.68 10.12 -34.80
N THR B 52 33.00 11.41 -34.90
CA THR B 52 34.00 11.98 -34.02
C THR B 52 33.47 12.16 -32.59
N LEU B 53 32.17 12.43 -32.44
CA LEU B 53 31.59 12.57 -31.11
C LEU B 53 31.60 11.23 -30.38
N LEU B 54 31.16 10.16 -31.04
CA LEU B 54 31.13 8.83 -30.43
C LEU B 54 32.50 8.35 -29.99
N ARG B 55 33.57 8.99 -30.45
CA ARG B 55 34.93 8.62 -30.10
C ARG B 55 35.56 9.54 -29.07
N LEU B 56 35.33 10.86 -29.18
CA LEU B 56 35.91 11.79 -28.22
C LEU B 56 35.40 11.55 -26.81
N VAL B 57 34.16 11.08 -26.67
CA VAL B 57 33.67 10.52 -25.43
C VAL B 57 33.77 9.01 -25.54
N HIS B 58 34.12 8.35 -24.44
CA HIS B 58 34.43 6.92 -24.47
C HIS B 58 33.13 6.14 -24.39
N THR B 59 32.58 5.85 -25.57
CA THR B 59 31.25 5.26 -25.67
C THR B 59 31.31 3.75 -25.52
N ASP B 60 30.46 3.20 -24.65
CA ASP B 60 30.30 1.76 -24.52
C ASP B 60 29.15 1.23 -25.37
N SER B 61 28.11 2.03 -25.58
CA SER B 61 26.91 1.58 -26.27
C SER B 61 26.19 2.79 -26.86
N PHE B 62 25.68 2.61 -28.08
CA PHE B 62 24.90 3.65 -28.75
C PHE B 62 23.87 2.97 -29.63
N SER B 63 22.59 3.28 -29.38
CA SER B 63 21.49 2.68 -30.11
C SER B 63 20.33 3.65 -30.13
N CYS B 64 19.49 3.55 -31.16
CA CYS B 64 18.39 4.47 -31.37
C CYS B 64 17.06 3.71 -31.41
N ASN B 65 15.98 4.45 -31.16
CA ASN B 65 14.63 3.91 -31.12
C ASN B 65 13.76 4.72 -32.06
N ASN B 66 12.95 4.04 -32.88
CA ASN B 66 12.16 4.68 -33.93
C ASN B 66 13.04 5.44 -34.90
N PHE B 67 14.26 4.92 -35.11
CA PHE B 67 15.24 5.59 -35.96
C PHE B 67 16.44 4.68 -36.17
N ASP B 68 17.17 4.86 -37.28
CA ASP B 68 18.41 4.12 -37.51
C ASP B 68 19.56 5.12 -37.54
N GLU B 69 20.64 4.78 -36.82
CA GLU B 69 21.75 5.73 -36.68
C GLU B 69 22.41 6.04 -38.02
N SER B 70 22.34 5.12 -38.98
CA SER B 70 22.90 5.39 -40.29
C SER B 70 22.20 6.57 -40.98
N LYS B 71 20.91 6.75 -40.69
CA LYS B 71 20.15 7.86 -41.25
C LYS B 71 20.58 9.21 -40.70
N ILE B 72 21.39 9.24 -39.65
CA ILE B 72 21.84 10.50 -39.07
C ILE B 72 22.94 11.13 -39.92
N TYR B 73 23.87 10.32 -40.42
CA TYR B 73 25.05 10.84 -41.10
C TYR B 73 24.66 11.66 -42.32
N GLY B 74 25.16 12.90 -42.38
CA GLY B 74 24.93 13.79 -43.49
C GLY B 74 23.61 14.53 -43.48
N SER B 75 22.75 14.28 -42.49
CA SER B 75 21.43 14.88 -42.44
C SER B 75 21.46 16.19 -41.67
N CYS B 76 20.38 16.96 -41.82
CA CYS B 76 20.17 18.19 -41.07
C CYS B 76 18.92 18.04 -40.21
N PHE B 77 18.94 18.72 -39.06
CA PHE B 77 17.83 18.68 -38.11
C PHE B 77 17.46 20.11 -37.72
N LYS B 78 16.25 20.26 -37.18
CA LYS B 78 15.85 21.56 -36.66
C LYS B 78 16.53 21.86 -35.33
N SER B 79 16.63 20.85 -34.46
CA SER B 79 17.35 20.99 -33.20
C SER B 79 17.64 19.61 -32.64
N ILE B 80 18.60 19.54 -31.73
CA ILE B 80 18.99 18.32 -31.05
C ILE B 80 19.05 18.60 -29.55
N VAL B 81 18.34 17.78 -28.76
CA VAL B 81 18.18 18.01 -27.33
C VAL B 81 18.86 16.87 -26.58
N LEU B 82 19.67 17.22 -25.58
CA LEU B 82 20.46 16.25 -24.83
C LEU B 82 20.18 16.37 -23.34
N ASP B 83 19.95 15.23 -22.70
CA ASP B 83 19.85 15.13 -21.25
C ASP B 83 20.93 14.16 -20.75
N LYS B 84 21.45 14.41 -19.55
CA LYS B 84 22.55 13.59 -19.04
C LYS B 84 22.47 13.50 -17.52
N PHE B 85 23.06 12.42 -16.99
CA PHE B 85 23.23 12.21 -15.55
C PHE B 85 24.10 10.98 -15.34
N ALA B 86 24.63 10.85 -14.13
CA ALA B 86 25.46 9.71 -13.77
C ALA B 86 24.58 8.52 -13.36
N ILE B 87 25.17 7.33 -13.44
CA ILE B 87 24.47 6.07 -13.24
C ILE B 87 24.90 5.49 -11.90
N PRO B 88 24.00 5.29 -10.95
CA PRO B 88 24.33 4.44 -9.79
C PRO B 88 24.53 3.01 -10.26
N ASN B 89 25.62 2.38 -9.77
CA ASN B 89 26.01 1.07 -10.29
C ASN B 89 24.88 0.05 -10.20
N SER B 90 24.18 0.00 -9.07
CA SER B 90 23.16 -1.02 -8.86
C SER B 90 21.88 -0.76 -9.66
N ARG B 91 21.70 0.41 -10.24
CA ARG B 91 20.44 0.78 -10.88
C ARG B 91 20.55 0.86 -12.41
N ARG B 92 21.58 0.27 -13.00
CA ARG B 92 21.79 0.43 -14.44
C ARG B 92 20.66 -0.18 -15.25
N SER B 93 20.10 -1.30 -14.77
CA SER B 93 19.01 -1.95 -15.49
C SER B 93 17.72 -1.13 -15.49
N ASP B 94 17.62 -0.11 -14.62
CA ASP B 94 16.44 0.75 -14.62
C ASP B 94 16.29 1.51 -15.93
N LEU B 95 17.38 1.66 -16.70
CA LEU B 95 17.37 2.48 -17.90
C LEU B 95 16.95 1.72 -19.15
N GLN B 96 16.56 0.45 -19.02
CA GLN B 96 16.00 -0.27 -20.15
C GLN B 96 14.67 0.33 -20.56
N LEU B 97 14.40 0.32 -21.86
CA LEU B 97 13.18 0.94 -22.38
C LEU B 97 11.95 0.24 -21.84
N GLY B 98 11.07 1.00 -21.19
CA GLY B 98 9.86 0.44 -20.62
C GLY B 98 9.99 -0.02 -19.18
N SER B 99 11.19 0.00 -18.61
CA SER B 99 11.39 -0.45 -17.24
C SER B 99 10.60 0.40 -16.26
N SER B 100 10.24 -0.21 -15.13
CA SER B 100 9.47 0.46 -14.10
C SER B 100 10.23 0.54 -12.78
N GLY B 101 11.56 0.55 -12.85
CA GLY B 101 12.40 0.66 -11.66
C GLY B 101 12.34 2.04 -11.03
N PHE B 102 13.32 2.36 -10.20
CA PHE B 102 13.31 3.62 -9.46
C PHE B 102 13.68 4.80 -10.34
N LEU B 103 14.60 4.62 -11.28
CA LEU B 103 15.11 5.76 -12.04
C LEU B 103 14.04 6.37 -12.93
N GLN B 104 13.31 5.54 -13.69
CA GLN B 104 12.31 6.08 -14.60
C GLN B 104 10.97 6.34 -13.91
N SER B 105 10.77 5.85 -12.68
CA SER B 105 9.55 6.15 -11.95
C SER B 105 9.63 7.45 -11.16
N SER B 106 10.83 7.81 -10.67
CA SER B 106 10.94 8.91 -9.74
C SER B 106 12.11 9.85 -10.04
N ASN B 107 12.71 9.77 -11.23
CA ASN B 107 13.82 10.66 -11.56
C ASN B 107 13.74 11.18 -13.00
N TYR B 108 13.89 10.30 -13.98
CA TYR B 108 13.89 10.69 -15.39
C TYR B 108 13.17 9.63 -16.20
N LYS B 109 12.11 10.03 -16.89
CA LYS B 109 11.33 9.10 -17.73
C LYS B 109 11.73 9.28 -19.19
N ILE B 110 12.15 8.18 -19.81
CA ILE B 110 12.60 8.21 -21.20
C ILE B 110 11.39 8.24 -22.12
N ASP B 111 11.32 9.25 -22.99
CA ASP B 111 10.25 9.32 -23.98
C ASP B 111 10.44 8.25 -25.03
N THR B 112 9.40 7.45 -25.27
CA THR B 112 9.46 6.34 -26.22
C THR B 112 8.64 6.60 -27.48
N THR B 113 7.92 7.72 -27.56
CA THR B 113 7.12 8.02 -28.73
C THR B 113 7.85 8.87 -29.77
N SER B 114 8.93 9.54 -29.39
CA SER B 114 9.71 10.37 -30.29
C SER B 114 10.92 9.59 -30.82
N SER B 115 11.66 10.22 -31.73
CA SER B 115 12.88 9.65 -32.28
C SER B 115 14.05 9.99 -31.36
N SER B 116 14.64 8.98 -30.74
CA SER B 116 15.64 9.19 -29.72
C SER B 116 16.78 8.18 -29.88
N CYS B 117 17.91 8.50 -29.26
CA CYS B 117 19.06 7.61 -29.20
C CYS B 117 19.64 7.65 -27.79
N GLN B 118 20.10 6.50 -27.30
CA GLN B 118 20.63 6.37 -25.95
C GLN B 118 22.13 6.15 -26.03
N LEU B 119 22.89 6.87 -25.19
CA LEU B 119 24.35 6.83 -25.24
C LEU B 119 24.89 6.62 -23.83
N TYR B 120 25.58 5.49 -23.63
CA TYR B 120 26.26 5.18 -22.38
C TYR B 120 27.75 5.42 -22.56
N TYR B 121 28.35 6.18 -21.64
CA TYR B 121 29.77 6.49 -21.72
C TYR B 121 30.34 6.59 -20.30
N SER B 122 31.60 7.02 -20.19
CA SER B 122 32.27 7.07 -18.90
C SER B 122 33.37 8.13 -18.94
N LEU B 123 33.87 8.45 -17.75
CA LEU B 123 34.95 9.42 -17.56
C LEU B 123 35.92 8.87 -16.52
N PRO B 124 37.17 9.34 -16.54
CA PRO B 124 38.12 8.96 -15.49
C PRO B 124 37.61 9.36 -14.11
N ALA B 125 37.88 8.50 -13.11
CA ALA B 125 37.27 8.67 -11.80
C ALA B 125 37.88 9.84 -11.04
N ILE B 126 39.20 10.06 -11.19
CA ILE B 126 39.87 11.06 -10.37
C ILE B 126 39.53 12.50 -10.75
N ASN B 127 38.91 12.72 -11.91
CA ASN B 127 38.55 14.05 -12.34
C ASN B 127 37.09 14.41 -12.07
N VAL B 128 36.25 13.42 -11.78
CA VAL B 128 34.80 13.63 -11.66
C VAL B 128 34.45 14.08 -10.25
N THR B 129 33.51 15.01 -10.16
CA THR B 129 32.92 15.44 -8.89
C THR B 129 31.41 15.49 -9.07
N ILE B 130 30.71 14.62 -8.33
CA ILE B 130 29.26 14.51 -8.47
C ILE B 130 28.57 15.71 -7.85
N ASN B 131 27.53 16.22 -8.51
CA ASN B 131 26.74 17.35 -8.04
C ASN B 131 25.33 16.86 -7.72
N ASN B 132 25.04 16.72 -6.42
CA ASN B 132 23.72 16.31 -5.94
C ASN B 132 22.93 17.54 -5.52
N TYR B 133 21.69 17.64 -5.99
CA TYR B 133 20.87 18.82 -5.75
C TYR B 133 19.40 18.43 -5.72
N ASN B 134 18.66 18.96 -4.74
CA ASN B 134 17.24 18.67 -4.60
C ASN B 134 16.43 19.70 -5.36
N PRO B 135 15.68 19.31 -6.40
CA PRO B 135 14.94 20.30 -7.19
C PRO B 135 13.60 20.69 -6.61
N SER B 136 13.12 20.02 -5.57
CA SER B 136 11.81 20.30 -5.02
C SER B 136 11.82 21.60 -4.22
N SER B 137 10.97 22.55 -4.61
CA SER B 137 10.94 23.83 -3.92
C SER B 137 10.21 23.75 -2.58
N TRP B 138 9.25 22.82 -2.43
CA TRP B 138 8.57 22.71 -1.14
C TRP B 138 9.40 21.95 -0.12
N ASN B 139 10.26 21.04 -0.58
CA ASN B 139 11.25 20.43 0.33
C ASN B 139 12.21 21.49 0.86
N ARG B 140 12.70 22.38 -0.01
CA ARG B 140 13.64 23.40 0.43
C ARG B 140 12.95 24.48 1.25
N ARG B 141 11.67 24.75 0.97
CA ARG B 141 10.95 25.78 1.71
C ARG B 141 10.83 25.43 3.19
N TYR B 142 10.80 24.14 3.53
CA TYR B 142 10.57 23.69 4.89
C TYR B 142 11.77 22.94 5.46
N GLY B 143 12.98 23.31 5.05
CA GLY B 143 14.17 23.01 5.82
C GLY B 143 15.20 22.13 5.13
N PHE B 144 14.93 21.61 3.93
CA PHE B 144 15.94 20.78 3.27
C PHE B 144 17.07 21.66 2.74
N ASN B 145 18.30 21.29 3.06
CA ASN B 145 19.46 22.11 2.78
C ASN B 145 20.30 21.41 1.71
N ASN B 146 21.38 20.74 2.07
CA ASN B 146 22.27 20.10 1.11
C ASN B 146 22.50 18.64 1.50
N PHE B 147 23.20 17.94 0.63
CA PHE B 147 23.68 16.59 0.93
C PHE B 147 25.10 16.66 1.44
N ASN B 148 25.48 15.65 2.23
CA ASN B 148 26.84 15.52 2.77
C ASN B 148 27.31 14.10 2.48
N LEU B 149 27.83 13.88 1.28
CA LEU B 149 28.20 12.55 0.81
C LEU B 149 29.58 12.59 0.17
N SER B 150 30.09 11.40 -0.15
CA SER B 150 31.41 11.30 -0.75
C SER B 150 31.38 11.82 -2.19
N SER B 151 32.57 12.03 -2.75
CA SER B 151 32.72 12.69 -4.04
C SER B 151 32.27 11.83 -5.22
N HIS B 152 31.88 10.58 -5.01
CA HIS B 152 31.41 9.73 -6.11
C HIS B 152 30.06 9.08 -5.81
N SER B 153 29.39 9.46 -4.72
CA SER B 153 28.06 8.95 -4.44
C SER B 153 27.03 9.64 -5.32
N VAL B 154 26.07 8.87 -5.82
CA VAL B 154 25.07 9.34 -6.77
C VAL B 154 23.70 9.15 -6.15
N VAL B 155 23.02 10.26 -5.86
CA VAL B 155 21.69 10.22 -5.24
C VAL B 155 20.64 9.88 -6.29
N TYR B 156 19.62 9.12 -5.88
CA TYR B 156 18.45 8.88 -6.70
C TYR B 156 17.25 8.74 -5.79
N SER B 157 16.08 9.11 -6.31
CA SER B 157 14.85 9.08 -5.54
C SER B 157 14.14 7.73 -5.70
N ARG B 158 13.44 7.33 -4.64
CA ARG B 158 12.61 6.12 -4.66
C ARG B 158 11.12 6.44 -4.75
N TYR B 159 10.66 7.50 -4.11
CA TYR B 159 9.27 7.92 -4.15
C TYR B 159 9.20 9.44 -4.20
N CYS B 160 8.15 9.95 -4.84
CA CYS B 160 7.95 11.38 -5.00
C CYS B 160 6.53 11.77 -4.58
N PHE B 161 6.40 12.93 -3.94
CA PHE B 161 5.13 13.41 -3.42
C PHE B 161 4.92 14.86 -3.80
N SER B 162 3.66 15.22 -4.05
CA SER B 162 3.29 16.56 -4.49
C SER B 162 2.19 17.12 -3.58
N VAL B 163 2.13 18.45 -3.50
CA VAL B 163 1.19 19.16 -2.65
C VAL B 163 0.73 20.43 -3.36
N ASN B 164 -0.36 21.02 -2.86
CA ASN B 164 -0.76 22.34 -3.34
C ASN B 164 0.27 23.39 -2.89
N ASN B 165 -0.04 24.65 -3.19
CA ASN B 165 0.77 25.76 -2.73
C ASN B 165 0.44 26.18 -1.30
N THR B 166 -0.71 25.75 -0.77
CA THR B 166 -1.12 26.09 0.58
C THR B 166 -0.62 25.10 1.62
N PHE B 167 0.38 24.28 1.29
CA PHE B 167 0.81 23.21 2.15
C PHE B 167 1.72 23.71 3.27
N CYS B 168 1.55 23.11 4.47
CA CYS B 168 2.40 23.35 5.62
C CYS B 168 2.33 22.08 6.46
N PRO B 169 3.47 21.54 6.91
CA PRO B 169 3.47 20.24 7.61
C PRO B 169 3.44 20.31 9.14
N CYS B 170 3.22 21.49 9.74
CA CYS B 170 3.21 21.62 11.19
C CYS B 170 1.79 21.79 11.70
N ALA B 171 1.59 21.39 12.97
CA ALA B 171 0.31 21.52 13.63
C ALA B 171 0.16 22.89 14.27
N LYS B 172 -1.09 23.25 14.57
CA LYS B 172 -1.40 24.57 15.10
C LYS B 172 -1.09 24.62 16.59
N PRO B 173 -0.37 25.65 17.08
CA PRO B 173 -0.08 25.72 18.51
C PRO B 173 -1.32 25.80 19.38
N SER B 174 -2.40 26.41 18.88
CA SER B 174 -3.65 26.45 19.64
C SER B 174 -4.18 25.05 19.88
N PHE B 175 -4.11 24.18 18.86
CA PHE B 175 -4.60 22.81 18.99
C PHE B 175 -3.68 21.98 19.88
N ALA B 176 -2.38 22.02 19.60
CA ALA B 176 -1.44 21.12 20.27
C ALA B 176 -1.42 21.34 21.79
N SER B 177 -1.60 22.59 22.23
CA SER B 177 -1.50 22.89 23.65
C SER B 177 -2.65 22.30 24.45
N SER B 178 -3.76 21.96 23.81
CA SER B 178 -4.93 21.42 24.50
C SER B 178 -4.97 19.88 24.49
N CYS B 179 -3.92 19.24 23.98
CA CYS B 179 -3.88 17.78 23.95
C CYS B 179 -3.46 17.23 25.31
N LYS B 180 -4.17 16.20 25.78
CA LYS B 180 -3.82 15.55 27.03
C LYS B 180 -2.84 14.40 26.85
N SER B 181 -2.84 13.78 25.66
CA SER B 181 -1.86 12.75 25.35
C SER B 181 -1.61 12.74 23.85
N HIS B 182 -0.44 12.22 23.47
CA HIS B 182 -0.04 12.09 22.07
C HIS B 182 -0.09 13.44 21.36
N LYS B 183 0.58 14.42 21.95
CA LYS B 183 0.61 15.77 21.43
C LYS B 183 1.55 15.84 20.23
N PRO B 184 1.15 16.47 19.13
CA PRO B 184 2.03 16.61 17.97
C PRO B 184 2.93 17.82 18.13
N PRO B 185 4.06 17.87 17.41
CA PRO B 185 4.87 19.08 17.40
C PRO B 185 4.16 20.20 16.66
N SER B 186 4.42 21.43 17.09
CA SER B 186 3.69 22.59 16.57
C SER B 186 4.66 23.72 16.28
N ALA B 187 4.20 24.64 15.44
CA ALA B 187 4.93 25.85 15.06
C ALA B 187 3.96 26.73 14.27
N SER B 188 4.45 27.89 13.85
CA SER B 188 3.66 28.80 13.04
C SER B 188 3.90 28.54 11.56
N CYS B 189 2.80 28.53 10.77
CA CYS B 189 2.92 28.31 9.34
C CYS B 189 2.95 29.64 8.60
N PRO B 190 3.64 29.69 7.46
CA PRO B 190 3.73 30.94 6.69
C PRO B 190 2.36 31.45 6.29
N ILE B 191 2.28 32.77 6.08
CA ILE B 191 1.02 33.41 5.71
C ILE B 191 0.60 32.91 4.34
N GLY B 192 -0.64 32.44 4.25
CA GLY B 192 -1.17 31.87 3.03
C GLY B 192 -1.28 30.36 3.04
N THR B 193 -0.64 29.68 3.99
CA THR B 193 -0.68 28.23 4.08
C THR B 193 -1.66 27.77 5.14
N ASN B 194 -2.10 26.52 5.02
CA ASN B 194 -3.04 25.92 5.95
C ASN B 194 -2.31 24.97 6.91
N TYR B 195 -2.86 24.83 8.11
CA TYR B 195 -2.21 24.03 9.14
C TYR B 195 -2.52 22.54 8.95
N ARG B 196 -1.65 21.71 9.53
CA ARG B 196 -1.83 20.27 9.50
C ARG B 196 -3.14 19.89 10.19
N SER B 197 -3.92 19.05 9.53
CA SER B 197 -5.21 18.63 10.06
C SER B 197 -5.01 17.63 11.19
N CYS B 198 -5.57 17.93 12.36
CA CYS B 198 -5.46 17.08 13.53
C CYS B 198 -6.84 16.92 14.17
N GLU B 199 -6.89 16.05 15.18
CA GLU B 199 -8.17 15.67 15.78
C GLU B 199 -7.93 15.19 17.20
N SER B 200 -8.85 15.51 18.11
CA SER B 200 -8.78 15.12 19.50
C SER B 200 -9.89 14.12 19.80
N THR B 201 -9.51 12.95 20.33
CA THR B 201 -10.43 11.83 20.46
C THR B 201 -10.43 11.33 21.90
N THR B 202 -11.37 10.42 22.18
CA THR B 202 -11.48 9.75 23.47
C THR B 202 -11.62 8.25 23.25
N VAL B 203 -11.06 7.48 24.17
CA VAL B 203 -11.17 6.03 24.13
C VAL B 203 -11.05 5.50 25.55
N LEU B 204 -11.92 4.55 25.90
CA LEU B 204 -12.09 4.06 27.26
C LEU B 204 -12.27 5.23 28.22
N ASP B 205 -11.34 5.42 29.15
CA ASP B 205 -11.39 6.52 30.10
C ASP B 205 -10.51 7.70 29.70
N HIS B 206 -9.80 7.61 28.57
CA HIS B 206 -8.92 8.69 28.14
C HIS B 206 -9.70 9.74 27.37
N THR B 207 -9.34 11.00 27.57
CA THR B 207 -9.90 12.12 26.83
C THR B 207 -8.78 12.96 26.25
N ASP B 208 -9.11 13.65 25.14
CA ASP B 208 -8.15 14.52 24.44
C ASP B 208 -6.91 13.73 24.00
N TRP B 209 -7.15 12.60 23.34
CA TRP B 209 -6.11 11.81 22.71
C TRP B 209 -6.02 12.26 21.26
N CYS B 210 -4.91 12.90 20.90
CA CYS B 210 -4.80 13.62 19.64
C CYS B 210 -4.24 12.75 18.53
N ARG B 211 -4.84 12.84 17.35
CA ARG B 211 -4.43 12.08 16.17
C ARG B 211 -4.39 13.01 14.97
N CYS B 212 -3.28 13.00 14.25
CA CYS B 212 -3.09 13.87 13.09
C CYS B 212 -2.96 13.02 11.82
N SER B 213 -2.54 13.67 10.73
CA SER B 213 -2.54 13.05 9.41
C SER B 213 -1.19 12.43 9.07
N CYS B 214 -1.19 11.61 8.02
CA CYS B 214 0.01 10.99 7.45
C CYS B 214 0.73 10.09 8.45
N LEU B 215 -0.04 9.40 9.30
CA LEU B 215 0.64 8.47 10.20
C LEU B 215 0.70 7.07 9.56
N PRO B 216 1.81 6.34 9.73
CA PRO B 216 3.07 6.73 10.41
C PRO B 216 3.90 7.72 9.58
N ASP B 217 4.07 7.44 8.30
CA ASP B 217 4.74 8.36 7.38
C ASP B 217 4.07 8.22 6.02
N PRO B 218 4.24 9.21 5.14
CA PRO B 218 3.49 9.19 3.87
C PRO B 218 3.76 7.98 2.98
N ILE B 219 4.86 7.25 3.19
CA ILE B 219 5.14 6.08 2.36
C ILE B 219 4.32 4.88 2.82
N THR B 220 4.13 4.73 4.14
CA THR B 220 3.37 3.62 4.71
C THR B 220 2.07 4.08 5.36
N ALA B 221 1.50 5.19 4.88
CA ALA B 221 0.35 5.81 5.53
C ALA B 221 -0.83 4.85 5.62
N TYR B 222 -1.47 4.82 6.80
CA TYR B 222 -2.67 4.01 6.97
C TYR B 222 -3.87 4.60 6.23
N ASP B 223 -3.92 5.91 6.08
CA ASP B 223 -5.09 6.62 5.53
C ASP B 223 -4.62 7.64 4.50
N PRO B 224 -4.26 7.19 3.29
CA PRO B 224 -3.67 8.11 2.31
C PRO B 224 -4.64 9.17 1.79
N ARG B 225 -5.95 8.90 1.79
CA ARG B 225 -6.89 9.86 1.25
C ARG B 225 -6.96 11.15 2.05
N SER B 226 -6.51 11.15 3.31
CA SER B 226 -6.53 12.34 4.14
C SER B 226 -5.13 12.89 4.42
N CYS B 227 -4.10 12.36 3.76
CA CYS B 227 -2.75 12.89 3.86
C CYS B 227 -2.51 13.80 2.67
N SER B 228 -2.02 15.02 2.94
CA SER B 228 -1.89 16.04 1.90
C SER B 228 -0.81 15.69 0.87
N GLN B 229 0.21 14.93 1.29
CA GLN B 229 1.26 14.52 0.37
C GLN B 229 0.77 13.35 -0.48
N LYS B 230 0.81 13.51 -1.80
CA LYS B 230 0.22 12.56 -2.74
C LYS B 230 1.32 11.89 -3.57
N LYS B 231 1.24 10.57 -3.70
CA LYS B 231 2.18 9.84 -4.53
C LYS B 231 2.03 10.23 -5.99
N SER B 232 3.15 10.34 -6.70
CA SER B 232 3.12 10.75 -8.10
C SER B 232 4.35 10.24 -8.83
N LEU B 233 4.15 9.79 -10.07
CA LEU B 233 5.23 9.38 -10.95
C LEU B 233 5.64 10.55 -11.84
N VAL B 234 6.91 10.58 -12.21
CA VAL B 234 7.42 11.66 -13.06
C VAL B 234 7.01 11.40 -14.50
N GLY B 235 6.51 12.44 -15.17
CA GLY B 235 6.26 12.38 -16.59
C GLY B 235 7.49 12.76 -17.39
N VAL B 236 7.35 12.67 -18.72
CA VAL B 236 8.46 13.04 -19.59
C VAL B 236 8.74 14.52 -19.45
N GLY B 237 10.01 14.87 -19.20
CA GLY B 237 10.42 16.25 -19.05
C GLY B 237 10.35 16.81 -17.65
N GLU B 238 9.90 16.03 -16.67
CA GLU B 238 9.73 16.51 -15.30
C GLU B 238 10.83 16.00 -14.39
N HIS B 239 10.95 16.64 -13.23
CA HIS B 239 11.79 16.19 -12.13
C HIS B 239 10.91 15.75 -10.96
N CYS B 240 11.53 15.05 -10.02
CA CYS B 240 10.80 14.56 -8.85
C CYS B 240 10.16 15.72 -8.09
N ALA B 241 8.92 15.53 -7.66
CA ALA B 241 8.20 16.60 -6.99
C ALA B 241 8.71 16.86 -5.58
N GLY B 242 9.32 15.87 -4.95
CA GLY B 242 9.90 16.06 -3.62
C GLY B 242 9.86 14.79 -2.80
N PHE B 243 10.76 14.73 -1.81
CA PHE B 243 10.76 13.64 -0.86
C PHE B 243 9.60 13.78 0.12
N GLY B 244 9.00 12.66 0.50
CA GLY B 244 8.02 12.68 1.57
C GLY B 244 8.66 13.06 2.90
N VAL B 245 7.87 13.70 3.76
CA VAL B 245 8.35 14.18 5.05
C VAL B 245 7.51 13.59 6.17
N ASP B 246 8.16 13.21 7.25
CA ASP B 246 7.50 12.71 8.45
C ASP B 246 7.00 13.92 9.24
N GLU B 247 5.70 14.20 9.13
CA GLU B 247 5.14 15.39 9.77
C GLU B 247 5.26 15.34 11.29
N GLU B 248 5.45 14.16 11.87
CA GLU B 248 5.72 14.05 13.30
C GLU B 248 7.12 14.53 13.67
N LYS B 249 7.93 14.92 12.70
CA LYS B 249 9.27 15.46 12.93
C LYS B 249 9.39 16.90 12.43
N CYS B 250 8.28 17.57 12.15
CA CYS B 250 8.27 18.96 11.71
C CYS B 250 7.72 19.83 12.83
N GLY B 251 8.47 20.88 13.16
CA GLY B 251 8.14 21.69 14.32
C GLY B 251 8.88 21.22 15.55
N VAL B 252 8.40 21.66 16.71
CA VAL B 252 8.99 21.30 17.99
C VAL B 252 7.88 21.13 19.02
N LEU B 253 8.15 20.30 20.03
CA LEU B 253 7.16 20.04 21.07
C LEU B 253 6.96 21.29 21.92
N ASP B 254 5.69 21.61 22.17
CA ASP B 254 5.30 22.83 22.91
C ASP B 254 5.77 24.08 22.19
N GLY B 255 5.92 24.01 20.87
CA GLY B 255 6.41 25.15 20.12
C GLY B 255 5.35 26.23 19.98
N SER B 256 5.79 27.49 20.02
CA SER B 256 4.87 28.62 19.95
C SER B 256 5.09 29.43 18.67
N TYR B 257 4.81 30.73 18.73
CA TYR B 257 4.83 31.58 17.55
C TYR B 257 6.17 32.25 17.30
N ASN B 258 7.17 32.04 18.15
CA ASN B 258 8.52 32.51 17.87
C ASN B 258 9.35 31.45 17.16
N VAL B 259 8.73 30.36 16.70
CA VAL B 259 9.40 29.30 15.96
C VAL B 259 8.68 29.15 14.62
N SER B 260 9.44 29.20 13.53
CA SER B 260 8.89 28.99 12.20
C SER B 260 8.97 27.52 11.82
N CYS B 261 7.95 27.05 11.10
CA CYS B 261 7.80 25.62 10.80
C CYS B 261 8.93 25.14 9.90
N LEU B 262 9.82 24.32 10.47
CA LEU B 262 10.88 23.66 9.73
C LEU B 262 10.97 22.20 10.15
N CYS B 263 11.37 21.34 9.21
CA CYS B 263 11.52 19.92 9.44
C CYS B 263 13.00 19.57 9.55
N SER B 264 13.31 18.65 10.46
CA SER B 264 14.68 18.19 10.60
C SER B 264 15.08 17.33 9.40
N THR B 265 16.38 17.08 9.27
CA THR B 265 16.89 16.43 8.07
C THR B 265 16.54 14.95 8.01
N ASP B 266 16.41 14.29 9.16
CA ASP B 266 16.01 12.88 9.16
C ASP B 266 14.52 12.69 8.89
N ALA B 267 13.78 13.77 8.65
CA ALA B 267 12.37 13.68 8.34
C ALA B 267 12.09 13.45 6.86
N PHE B 268 13.06 13.71 6.00
CA PHE B 268 12.90 13.53 4.55
C PHE B 268 13.25 12.08 4.19
N LEU B 269 12.28 11.36 3.63
CA LEU B 269 12.39 9.92 3.45
C LEU B 269 12.29 9.56 1.97
N GLY B 270 12.64 8.31 1.67
CA GLY B 270 12.42 7.75 0.35
C GLY B 270 13.49 8.04 -0.68
N TRP B 271 14.76 7.96 -0.30
CA TRP B 271 15.86 8.13 -1.25
C TRP B 271 17.08 7.37 -0.76
N SER B 272 18.02 7.15 -1.67
CA SER B 272 19.25 6.42 -1.38
C SER B 272 20.34 6.90 -2.32
N TYR B 273 21.46 6.19 -2.35
CA TYR B 273 22.58 6.54 -3.21
C TYR B 273 23.44 5.31 -3.46
N ASP B 274 24.37 5.45 -4.41
CA ASP B 274 25.31 4.41 -4.77
C ASP B 274 26.42 5.02 -5.62
N THR B 275 27.59 4.38 -5.59
CA THR B 275 28.73 4.90 -6.35
C THR B 275 28.56 4.62 -7.83
N CYS B 276 29.32 5.36 -8.64
CA CYS B 276 29.33 5.19 -10.09
C CYS B 276 30.65 4.64 -10.60
N VAL B 277 31.59 4.31 -9.73
CA VAL B 277 32.94 3.96 -10.12
C VAL B 277 33.06 2.44 -10.26
N SER B 278 33.72 2.02 -11.33
CA SER B 278 34.05 0.61 -11.54
C SER B 278 35.22 0.55 -12.51
N ASN B 279 36.30 -0.14 -12.11
CA ASN B 279 37.53 -0.19 -12.89
C ASN B 279 38.08 1.21 -13.15
N ASN B 280 38.02 2.06 -12.12
CA ASN B 280 38.62 3.40 -12.13
C ASN B 280 37.92 4.35 -13.11
N ARG B 281 36.64 4.13 -13.39
CA ARG B 281 35.86 5.02 -14.23
C ARG B 281 34.45 5.14 -13.69
N CYS B 282 33.85 6.32 -13.89
CA CYS B 282 32.48 6.59 -13.48
C CYS B 282 31.58 6.58 -14.71
N ASN B 283 30.50 5.80 -14.66
CA ASN B 283 29.62 5.60 -15.80
C ASN B 283 28.53 6.66 -15.86
N ILE B 284 28.16 7.06 -17.08
CA ILE B 284 27.24 8.15 -17.33
C ILE B 284 26.25 7.73 -18.42
N PHE B 285 25.06 8.34 -18.39
CA PHE B 285 24.01 8.10 -19.37
C PHE B 285 23.63 9.41 -20.05
N SER B 286 23.20 9.31 -21.30
CA SER B 286 22.77 10.48 -22.05
C SER B 286 21.67 10.09 -23.03
N ASN B 287 20.78 11.03 -23.32
CA ASN B 287 19.62 10.79 -24.18
C ASN B 287 19.55 11.87 -25.24
N PHE B 288 19.54 11.45 -26.51
CA PHE B 288 19.44 12.34 -27.66
C PHE B 288 17.99 12.37 -28.15
N ILE B 289 17.53 13.55 -28.56
CA ILE B 289 16.21 13.71 -29.18
C ILE B 289 16.39 14.50 -30.47
N LEU B 290 15.91 13.95 -31.58
CA LEU B 290 16.11 14.50 -32.91
C LEU B 290 14.82 15.16 -33.40
N ASN B 291 14.85 16.47 -33.57
CA ASN B 291 13.69 17.25 -33.96
C ASN B 291 13.82 17.72 -35.41
N GLY B 292 12.82 17.41 -36.22
CA GLY B 292 12.75 17.89 -37.59
C GLY B 292 13.79 17.34 -38.52
N ILE B 293 13.71 16.04 -38.81
CA ILE B 293 14.65 15.42 -39.75
C ILE B 293 14.46 16.03 -41.13
N ASN B 294 15.58 16.29 -41.81
CA ASN B 294 15.58 16.85 -43.17
C ASN B 294 14.97 18.25 -43.20
N SER B 295 15.41 19.09 -42.25
CA SER B 295 15.03 20.50 -42.20
C SER B 295 15.99 21.19 -41.24
N GLY B 296 15.85 22.51 -41.13
CA GLY B 296 16.66 23.26 -40.19
C GLY B 296 18.11 23.40 -40.62
N THR B 297 18.92 23.87 -39.66
CA THR B 297 20.33 24.17 -39.93
C THR B 297 21.25 23.54 -38.88
N THR B 298 20.83 22.44 -38.29
CA THR B 298 21.69 21.63 -37.40
C THR B 298 22.10 20.40 -38.21
N CYS B 299 23.23 20.50 -38.89
CA CYS B 299 23.61 19.55 -39.92
C CYS B 299 24.85 18.74 -39.52
N SER B 300 24.93 17.54 -40.08
CA SER B 300 26.06 16.65 -39.85
C SER B 300 27.14 16.87 -40.91
N ASN B 301 28.40 16.84 -40.49
CA ASN B 301 29.55 16.95 -41.37
C ASN B 301 30.24 15.61 -41.58
N ASP B 302 29.51 14.51 -41.45
CA ASP B 302 30.11 13.18 -41.55
C ASP B 302 30.34 12.76 -42.99
N LEU B 303 29.54 13.26 -43.92
CA LEU B 303 29.64 12.89 -45.32
C LEU B 303 29.87 14.13 -46.18
N LEU B 304 30.54 13.94 -47.32
CA LEU B 304 30.74 15.02 -48.27
C LEU B 304 29.42 15.39 -48.92
N GLN B 305 29.17 16.70 -49.01
CA GLN B 305 27.89 17.16 -49.55
C GLN B 305 27.91 17.12 -51.08
N PRO B 306 26.81 16.71 -51.70
CA PRO B 306 26.77 16.68 -53.17
C PRO B 306 26.39 18.05 -53.74
N ASN B 307 27.19 18.51 -54.70
CA ASN B 307 26.93 19.78 -55.37
C ASN B 307 25.84 19.56 -56.42
N THR B 308 24.59 19.61 -55.96
CA THR B 308 23.47 19.48 -56.87
C THR B 308 23.37 20.72 -57.76
N GLU B 309 22.97 20.51 -59.01
CA GLU B 309 22.90 21.61 -59.97
C GLU B 309 21.61 22.39 -59.78
N VAL B 310 21.72 23.71 -59.87
CA VAL B 310 20.55 24.59 -59.77
C VAL B 310 19.73 24.44 -61.04
N PHE B 311 18.62 23.72 -60.96
CA PHE B 311 17.78 23.48 -62.12
C PHE B 311 17.02 24.75 -62.48
N THR B 312 17.15 25.18 -63.73
CA THR B 312 16.55 26.41 -64.21
C THR B 312 15.34 26.11 -65.09
N ASP B 313 14.37 27.03 -65.08
CA ASP B 313 13.16 26.97 -65.90
C ASP B 313 12.23 25.84 -65.52
N VAL B 314 12.38 25.27 -64.32
CA VAL B 314 11.52 24.20 -63.84
C VAL B 314 10.95 24.59 -62.49
N CYS B 315 9.74 24.10 -62.19
CA CYS B 315 9.14 24.30 -60.88
C CYS B 315 9.79 23.34 -59.89
N VAL B 316 10.55 23.88 -58.95
CA VAL B 316 11.37 23.09 -58.04
C VAL B 316 11.10 23.53 -56.60
N ASP B 317 11.33 22.61 -55.67
CA ASP B 317 11.27 22.90 -54.24
C ASP B 317 12.68 23.06 -53.70
N TYR B 318 12.85 23.96 -52.74
CA TYR B 318 14.18 24.33 -52.29
C TYR B 318 14.23 24.46 -50.77
N ASP B 319 15.44 24.35 -50.24
CA ASP B 319 15.76 24.64 -48.84
C ASP B 319 17.08 25.43 -48.88
N LEU B 320 16.98 26.75 -48.83
CA LEU B 320 18.11 27.64 -49.07
C LEU B 320 18.49 28.35 -47.77
N TYR B 321 19.63 27.96 -47.21
CA TYR B 321 20.20 28.61 -46.02
C TYR B 321 19.23 28.60 -44.85
N GLY B 322 18.38 27.58 -44.78
CA GLY B 322 17.41 27.44 -43.72
C GLY B 322 15.98 27.80 -44.10
N ILE B 323 15.78 28.44 -45.24
CA ILE B 323 14.45 28.87 -45.68
C ILE B 323 13.98 27.94 -46.80
N THR B 324 12.73 27.49 -46.71
CA THR B 324 12.16 26.55 -47.66
C THR B 324 11.13 27.25 -48.54
N GLY B 325 10.78 26.58 -49.64
CA GLY B 325 9.80 27.14 -50.55
C GLY B 325 9.77 26.36 -51.86
N GLN B 326 9.04 26.93 -52.82
CA GLN B 326 8.87 26.31 -54.13
C GLN B 326 8.80 27.41 -55.19
N GLY B 327 9.53 27.23 -56.28
CA GLY B 327 9.55 28.25 -57.32
C GLY B 327 10.41 27.81 -58.50
N ILE B 328 10.54 28.73 -59.45
CA ILE B 328 11.30 28.51 -60.68
C ILE B 328 12.51 29.44 -60.66
N PHE B 329 13.64 28.93 -61.16
CA PHE B 329 14.92 29.63 -61.11
C PHE B 329 15.35 30.09 -62.49
N LYS B 330 15.94 31.28 -62.56
CA LYS B 330 16.45 31.84 -63.81
C LYS B 330 17.73 32.61 -63.51
N GLU B 331 18.83 32.21 -64.14
CA GLU B 331 20.11 32.84 -63.88
C GLU B 331 20.17 34.22 -64.53
N VAL B 332 20.76 35.18 -63.81
CA VAL B 332 20.88 36.55 -64.28
C VAL B 332 22.32 37.02 -64.07
N SER B 333 22.72 38.01 -64.87
CA SER B 333 24.03 38.62 -64.71
C SER B 333 24.07 39.45 -63.43
N ALA B 334 25.29 39.71 -62.96
CA ALA B 334 25.49 40.34 -61.65
C ALA B 334 24.90 41.75 -61.58
N VAL B 335 24.67 42.40 -62.72
CA VAL B 335 24.16 43.77 -62.71
C VAL B 335 22.75 43.83 -62.12
N TYR B 336 22.00 42.74 -62.24
CA TYR B 336 20.60 42.73 -61.87
C TYR B 336 20.35 42.14 -60.47
N TYR B 337 21.40 41.77 -59.76
CA TYR B 337 21.29 41.28 -58.39
C TYR B 337 21.63 42.44 -57.45
N ASN B 338 20.59 43.03 -56.87
CA ASN B 338 20.71 44.33 -56.18
C ASN B 338 20.91 44.13 -54.68
N SER B 339 21.99 43.42 -54.32
CA SER B 339 22.32 43.18 -52.92
C SER B 339 23.71 42.57 -52.83
N TRP B 340 24.17 42.37 -51.60
CA TRP B 340 25.41 41.69 -51.30
C TRP B 340 25.23 40.42 -50.47
N GLN B 341 24.09 40.26 -49.81
CA GLN B 341 23.81 39.05 -49.04
C GLN B 341 23.33 37.94 -49.96
N ASN B 342 23.32 36.72 -49.43
CA ASN B 342 23.03 35.53 -50.22
C ASN B 342 21.55 35.33 -50.54
N LEU B 343 20.67 36.18 -50.02
CA LEU B 343 19.24 36.07 -50.27
C LEU B 343 18.69 37.43 -50.69
N LEU B 344 17.75 37.41 -51.63
CA LEU B 344 17.13 38.61 -52.16
C LEU B 344 15.66 38.60 -51.79
N TYR B 345 15.18 39.69 -51.19
CA TYR B 345 13.84 39.75 -50.62
C TYR B 345 12.98 40.81 -51.31
N ASP B 346 11.67 40.56 -51.30
CA ASP B 346 10.66 41.56 -51.59
C ASP B 346 10.31 42.29 -50.29
N SER B 347 9.66 43.45 -50.43
CA SER B 347 9.25 44.21 -49.26
C SER B 347 8.46 43.35 -48.28
N ASN B 348 7.59 42.48 -48.79
CA ASN B 348 6.93 41.48 -47.96
C ASN B 348 6.85 40.10 -48.60
N GLY B 349 7.02 39.97 -49.92
CA GLY B 349 6.90 38.70 -50.63
C GLY B 349 8.04 37.73 -50.39
N ASN B 350 8.99 38.12 -49.56
CA ASN B 350 10.09 37.25 -49.13
C ASN B 350 10.98 36.91 -50.34
N ILE B 351 11.29 35.64 -50.59
CA ILE B 351 12.36 35.26 -51.52
C ILE B 351 11.99 35.64 -52.96
N ILE B 352 12.92 36.32 -53.63
CA ILE B 352 12.76 36.68 -55.03
C ILE B 352 14.06 36.36 -55.77
N GLY B 353 15.10 36.00 -55.03
CA GLY B 353 16.38 35.67 -55.62
C GLY B 353 17.36 35.20 -54.58
N PHE B 354 18.46 34.64 -55.06
CA PHE B 354 19.51 34.13 -54.19
C PHE B 354 20.81 34.02 -54.97
N LYS B 355 21.92 34.00 -54.23
CA LYS B 355 23.26 33.88 -54.78
C LYS B 355 23.90 32.60 -54.23
N ASP B 356 24.27 31.70 -55.13
CA ASP B 356 24.94 30.47 -54.72
C ASP B 356 26.37 30.78 -54.27
N PHE B 357 26.76 30.23 -53.11
CA PHE B 357 28.09 30.52 -52.58
C PHE B 357 29.15 29.61 -53.19
N VAL B 358 28.78 28.38 -53.57
CA VAL B 358 29.76 27.44 -54.12
C VAL B 358 30.17 27.78 -55.54
N THR B 359 29.44 28.67 -56.21
CA THR B 359 29.74 29.01 -57.60
C THR B 359 29.57 30.49 -57.92
N ASN B 360 29.20 31.32 -56.95
CA ASN B 360 29.06 32.78 -57.09
C ASN B 360 28.04 33.20 -58.14
N LYS B 361 27.27 32.27 -58.68
CA LYS B 361 26.23 32.62 -59.63
C LYS B 361 25.00 33.18 -58.90
N THR B 362 24.24 34.01 -59.62
CA THR B 362 23.07 34.67 -59.06
C THR B 362 21.84 34.32 -59.89
N TYR B 363 20.69 34.22 -59.21
CA TYR B 363 19.47 33.76 -59.84
C TYR B 363 18.28 34.60 -59.37
N ASN B 364 17.27 34.69 -60.23
CA ASN B 364 15.95 35.18 -59.85
C ASN B 364 15.04 33.99 -59.56
N ILE B 365 13.99 34.24 -58.77
CA ILE B 365 13.08 33.20 -58.32
C ILE B 365 11.64 33.70 -58.49
N PHE B 366 10.89 33.00 -59.34
CA PHE B 366 9.49 33.30 -59.64
C PHE B 366 8.60 32.18 -59.11
N PRO B 367 7.31 32.42 -58.97
CA PRO B 367 6.41 31.35 -58.48
C PRO B 367 5.94 30.44 -59.61
N CYS B 368 5.48 29.26 -59.20
CA CYS B 368 4.99 28.28 -60.16
C CYS B 368 3.54 28.57 -60.54
C1 NAG C . -5.75 21.51 -2.62
C2 NAG C . -6.40 20.95 -3.90
C3 NAG C . -7.84 20.47 -3.59
C4 NAG C . -7.85 19.55 -2.38
C5 NAG C . -7.11 20.19 -1.20
C6 NAG C . -6.99 19.26 -0.01
C7 NAG C . -6.77 21.70 -6.22
C8 NAG C . -6.73 22.87 -7.16
N2 NAG C . -6.42 21.95 -4.95
O3 NAG C . -8.39 19.81 -4.72
O4 NAG C . -9.20 19.29 -1.99
O5 NAG C . -5.78 20.51 -1.60
O6 NAG C . -5.76 19.49 0.68
O7 NAG C . -7.13 20.58 -6.59
C1 NAG D . 34.04 14.19 -39.52
C2 NAG D . 35.46 14.78 -39.55
C3 NAG D . 36.22 14.33 -40.78
C4 NAG D . 36.17 12.81 -40.94
C5 NAG D . 34.72 12.37 -40.95
C6 NAG D . 34.55 10.87 -41.07
C7 NAG D . 35.44 16.92 -38.34
C8 NAG D . 35.41 18.41 -38.46
N2 NAG D . 35.42 16.23 -39.49
O3 NAG D . 37.57 14.77 -40.66
O4 NAG D . 36.80 12.43 -42.15
O5 NAG D . 34.09 12.76 -39.72
O6 NAG D . 33.27 10.56 -41.63
O7 NAG D . 35.48 16.36 -37.24
#